data_1LTS
#
_entry.id   1LTS
#
_cell.length_a   119.200
_cell.length_b   98.200
_cell.length_c   64.800
_cell.angle_alpha   90.00
_cell.angle_beta   90.00
_cell.angle_gamma   90.00
#
_symmetry.space_group_name_H-M   'P 21 21 21'
#
loop_
_entity.id
_entity.type
_entity.pdbx_description
1 polymer 'HEAT-LABILE ENTEROTOXIN, SUBUNIT B'
2 polymer 'HEAT-LABILE ENTEROTOXIN, SUBUNIT A'
3 polymer 'HEAT-LABILE ENTEROTOXIN, SUBUNIT A'
4 water water
#
loop_
_entity_poly.entity_id
_entity_poly.type
_entity_poly.pdbx_seq_one_letter_code
_entity_poly.pdbx_strand_id
1 'polypeptide(L)'
;APQTITELCSEYRNTQIYTINDKILSYTESMAGKREMVIITFKSGETFQVEVPGSQHIDSQKKAIERMKDTLRITYLTET
KIDKLCVWNNKTPNSIAAISMKN
;
D,E,F,G,H
2 'polypeptide(L)'
;RLYRADSRPPDEIKRSGGLMPRGHNEYFDRGTQMNINLYDHARGTQTGFVRYDDGYVSTSLSLRSAHLAGQSILSGYSTY
YIYVIATAPNMFNVNDVLGVYSPHPYEQEVSALGGIPYSQIYGWYRVNFGVIDERLHRNREYRDRYYRNLNIAPAEDGYR
LAGFPPDHQAWREEPWIHHAPQGCG
;
A
3 'polypeptide(L)' GDTCNEETQNLSTIYLREYQSKVKRQIFSDYQSEVDIYNRI C
#
# COMPACT_ATOMS: atom_id res chain seq x y z
N ALA A 1 26.07 13.03 -10.90
CA ALA A 1 24.88 13.64 -10.30
C ALA A 1 25.20 13.82 -8.81
N PRO A 2 24.52 14.62 -7.98
CA PRO A 2 24.61 14.59 -6.50
C PRO A 2 24.27 13.21 -5.94
N GLN A 3 24.84 12.93 -4.79
CA GLN A 3 24.61 11.67 -4.14
C GLN A 3 23.79 11.90 -2.88
N THR A 4 23.71 13.12 -2.32
CA THR A 4 22.94 13.36 -1.11
C THR A 4 22.05 14.60 -1.31
N ILE A 5 21.04 14.77 -0.46
CA ILE A 5 20.13 15.89 -0.59
C ILE A 5 20.87 17.20 -0.35
N THR A 6 21.84 17.23 0.57
CA THR A 6 22.63 18.45 0.77
C THR A 6 23.46 18.85 -0.47
N GLU A 7 24.08 17.88 -1.11
CA GLU A 7 24.83 18.20 -2.30
C GLU A 7 23.88 18.69 -3.36
N LEU A 8 22.75 18.04 -3.53
CA LEU A 8 21.77 18.55 -4.47
C LEU A 8 21.32 19.97 -4.11
N CYS A 9 20.98 20.23 -2.86
CA CYS A 9 20.44 21.51 -2.49
C CYS A 9 21.41 22.66 -2.70
N SER A 10 22.70 22.40 -2.59
CA SER A 10 23.63 23.49 -2.71
C SER A 10 23.96 23.82 -4.16
N GLU A 11 23.48 23.09 -5.14
CA GLU A 11 23.68 23.55 -6.52
C GLU A 11 22.68 24.69 -6.83
N TYR A 12 21.72 25.13 -5.98
CA TYR A 12 20.68 26.09 -6.39
C TYR A 12 20.78 27.32 -5.54
N ARG A 13 20.37 28.47 -6.03
CA ARG A 13 20.51 29.66 -5.20
C ARG A 13 19.24 29.71 -4.36
N ASN A 14 19.28 30.31 -3.17
CA ASN A 14 18.09 30.53 -2.32
C ASN A 14 17.37 29.30 -1.81
N THR A 15 18.16 28.29 -1.49
CA THR A 15 17.65 27.05 -0.95
C THR A 15 18.15 26.90 0.48
N GLN A 16 17.59 26.02 1.30
CA GLN A 16 18.09 25.79 2.64
C GLN A 16 17.73 24.34 2.94
N ILE A 17 18.53 23.64 3.75
CA ILE A 17 18.19 22.30 4.23
C ILE A 17 17.52 22.46 5.60
N TYR A 18 16.37 21.81 5.87
CA TYR A 18 15.75 21.79 7.18
C TYR A 18 15.94 20.38 7.72
N THR A 19 16.40 20.11 8.93
CA THR A 19 16.38 18.73 9.39
C THR A 19 15.03 18.58 10.03
N ILE A 20 14.22 17.59 9.71
CA ILE A 20 12.91 17.52 10.34
C ILE A 20 12.86 16.42 11.38
N ASN A 21 13.19 15.23 10.90
CA ASN A 21 13.25 14.01 11.67
C ASN A 21 11.94 13.76 12.35
N ASP A 22 10.84 13.86 11.61
CA ASP A 22 9.53 13.75 12.23
C ASP A 22 8.53 13.43 11.15
N LYS A 23 7.37 12.93 11.54
CA LYS A 23 6.30 12.69 10.60
C LYS A 23 5.50 13.97 10.41
N ILE A 24 4.72 14.06 9.36
CA ILE A 24 3.87 15.20 9.08
C ILE A 24 2.67 15.27 10.01
N LEU A 25 2.43 16.47 10.51
CA LEU A 25 1.29 16.68 11.41
C LEU A 25 -0.05 16.89 10.67
N SER A 26 -0.09 17.77 9.68
CA SER A 26 -1.28 17.98 8.88
C SER A 26 -0.90 18.15 7.40
N TYR A 27 -1.90 17.79 6.61
CA TYR A 27 -1.79 17.81 5.20
C TYR A 27 -2.97 18.63 4.70
N THR A 28 -2.81 19.64 3.87
CA THR A 28 -3.90 20.41 3.27
C THR A 28 -3.71 20.33 1.76
N GLU A 29 -4.76 20.04 1.04
CA GLU A 29 -4.69 19.91 -0.36
C GLU A 29 -5.77 20.83 -0.92
N SER A 30 -5.39 21.71 -1.85
CA SER A 30 -6.29 22.65 -2.49
C SER A 30 -6.42 22.47 -4.00
N MET A 31 -7.64 22.46 -4.50
CA MET A 31 -7.86 22.51 -5.93
C MET A 31 -8.46 23.89 -6.27
N ALA A 32 -8.42 24.91 -5.38
CA ALA A 32 -8.98 26.23 -5.64
C ALA A 32 -8.17 26.89 -6.74
N GLY A 33 -8.86 27.43 -7.74
CA GLY A 33 -8.23 28.06 -8.90
C GLY A 33 -7.10 29.01 -8.51
N LYS A 34 -5.95 28.81 -9.17
CA LYS A 34 -4.70 29.53 -8.90
C LYS A 34 -4.05 29.20 -7.55
N ARG A 35 -4.65 28.30 -6.76
CA ARG A 35 -4.05 27.89 -5.51
C ARG A 35 -4.05 26.38 -5.45
N GLU A 36 -3.68 25.73 -6.53
CA GLU A 36 -3.70 24.28 -6.56
C GLU A 36 -2.39 23.91 -5.87
N MET A 37 -2.40 23.62 -4.58
CA MET A 37 -1.17 23.36 -3.85
C MET A 37 -1.42 22.38 -2.70
N VAL A 38 -0.35 21.86 -2.09
CA VAL A 38 -0.44 21.06 -0.88
C VAL A 38 0.40 21.85 0.14
N ILE A 39 -0.05 21.94 1.39
CA ILE A 39 0.67 22.60 2.46
C ILE A 39 0.86 21.48 3.50
N ILE A 40 2.04 21.30 4.10
CA ILE A 40 2.21 20.31 5.17
C ILE A 40 2.76 21.10 6.35
N THR A 41 2.49 20.66 7.57
CA THR A 41 3.10 21.32 8.72
C THR A 41 3.62 20.24 9.68
N PHE A 42 4.54 20.62 10.57
CA PHE A 42 5.10 19.70 11.53
C PHE A 42 4.75 20.19 12.91
N LYS A 43 4.86 19.32 13.93
CA LYS A 43 4.60 19.69 15.31
C LYS A 43 5.55 20.81 15.67
N SER A 44 6.75 20.92 15.12
CA SER A 44 7.56 22.11 15.29
C SER A 44 6.93 23.49 14.99
N GLY A 45 5.83 23.51 14.22
CA GLY A 45 5.19 24.70 13.74
C GLY A 45 5.70 25.05 12.34
N GLU A 46 6.70 24.36 11.74
CA GLU A 46 7.14 24.67 10.38
C GLU A 46 6.09 24.25 9.34
N THR A 47 5.89 25.12 8.37
CA THR A 47 4.95 24.94 7.29
C THR A 47 5.71 25.03 5.99
N PHE A 48 5.40 24.14 5.06
CA PHE A 48 6.08 24.11 3.77
C PHE A 48 5.06 23.95 2.68
N GLN A 49 5.29 24.30 1.42
CA GLN A 49 4.32 24.03 0.38
C GLN A 49 4.99 23.36 -0.79
N VAL A 50 4.16 22.74 -1.66
CA VAL A 50 4.58 22.37 -3.00
C VAL A 50 3.80 23.41 -3.78
N GLU A 51 4.59 24.25 -4.41
CA GLU A 51 4.01 25.42 -5.06
C GLU A 51 3.19 25.10 -6.30
N VAL A 52 2.34 26.06 -6.63
CA VAL A 52 1.51 26.03 -7.83
C VAL A 52 2.41 26.04 -9.07
N PRO A 53 2.21 25.15 -10.07
CA PRO A 53 2.88 25.21 -11.37
C PRO A 53 2.57 26.59 -11.97
N GLY A 54 3.66 27.14 -12.48
CA GLY A 54 3.71 28.52 -12.87
C GLY A 54 4.94 28.68 -13.72
N SER A 55 5.32 29.95 -13.92
CA SER A 55 6.35 30.32 -14.86
C SER A 55 7.75 29.98 -14.44
N GLN A 56 8.11 30.21 -13.18
CA GLN A 56 9.39 29.83 -12.57
C GLN A 56 9.84 28.37 -12.72
N HIS A 57 9.03 27.56 -13.42
CA HIS A 57 9.21 26.15 -13.54
C HIS A 57 9.51 25.83 -14.95
N ILE A 58 10.53 25.00 -15.10
CA ILE A 58 10.81 24.45 -16.39
C ILE A 58 9.82 23.29 -16.64
N ASP A 59 9.56 23.01 -17.89
CA ASP A 59 8.64 22.00 -18.39
C ASP A 59 8.83 20.65 -17.69
N SER A 60 10.07 20.26 -17.42
CA SER A 60 10.38 18.99 -16.79
C SER A 60 9.98 18.95 -15.31
N GLN A 61 9.92 20.11 -14.68
CA GLN A 61 9.56 20.11 -13.30
C GLN A 61 8.10 19.79 -13.08
N LYS A 62 7.26 19.98 -14.10
CA LYS A 62 5.86 19.76 -13.89
C LYS A 62 5.48 18.32 -13.55
N LYS A 63 6.08 17.28 -14.09
CA LYS A 63 5.75 15.94 -13.63
C LYS A 63 6.39 15.69 -12.26
N ALA A 64 7.51 16.39 -11.94
CA ALA A 64 8.15 16.21 -10.65
C ALA A 64 7.32 16.86 -9.56
N ILE A 65 6.59 17.96 -9.86
CA ILE A 65 5.68 18.60 -8.89
C ILE A 65 4.55 17.59 -8.51
N GLU A 66 3.99 16.94 -9.57
CA GLU A 66 2.93 16.00 -9.36
C GLU A 66 3.46 14.85 -8.56
N ARG A 67 4.62 14.30 -8.85
CA ARG A 67 5.16 13.22 -8.05
C ARG A 67 5.36 13.66 -6.60
N MET A 68 5.86 14.85 -6.30
CA MET A 68 6.12 15.28 -4.95
C MET A 68 4.84 15.36 -4.14
N LYS A 69 3.71 15.78 -4.77
CA LYS A 69 2.41 15.85 -4.09
C LYS A 69 1.94 14.44 -3.82
N ASP A 70 2.21 13.50 -4.70
CA ASP A 70 1.95 12.09 -4.42
C ASP A 70 2.78 11.55 -3.24
N THR A 71 4.11 11.83 -3.19
CA THR A 71 4.96 11.43 -2.09
C THR A 71 4.48 12.06 -0.79
N LEU A 72 4.14 13.33 -0.73
CA LEU A 72 3.70 13.90 0.54
C LEU A 72 2.37 13.32 1.05
N ARG A 73 1.42 12.93 0.18
CA ARG A 73 0.18 12.38 0.64
C ARG A 73 0.47 10.99 1.20
N ILE A 74 1.23 10.11 0.55
CA ILE A 74 1.41 8.78 1.10
C ILE A 74 2.34 8.86 2.32
N THR A 75 3.32 9.77 2.40
CA THR A 75 4.12 9.91 3.60
C THR A 75 3.25 10.29 4.79
N TYR A 76 2.32 11.24 4.66
CA TYR A 76 1.46 11.65 5.76
C TYR A 76 0.60 10.50 6.21
N LEU A 77 -0.01 9.76 5.26
CA LEU A 77 -0.94 8.72 5.60
C LEU A 77 -0.27 7.55 6.26
N THR A 78 0.96 7.22 5.93
CA THR A 78 1.62 6.08 6.57
C THR A 78 2.44 6.45 7.80
N GLU A 79 2.37 7.75 8.16
CA GLU A 79 3.14 8.36 9.21
C GLU A 79 4.63 8.15 9.11
N THR A 80 5.24 8.10 7.93
CA THR A 80 6.67 7.95 7.79
C THR A 80 7.43 9.18 8.22
N LYS A 81 8.58 9.09 8.88
CA LYS A 81 9.34 10.27 9.29
C LYS A 81 10.08 10.76 8.09
N ILE A 82 10.13 12.06 7.99
CA ILE A 82 10.92 12.70 7.01
C ILE A 82 12.23 12.99 7.72
N ASP A 83 13.33 12.79 7.01
CA ASP A 83 14.64 13.13 7.51
C ASP A 83 14.91 14.62 7.26
N LYS A 84 15.06 15.07 6.03
CA LYS A 84 15.42 16.43 5.73
C LYS A 84 14.60 16.95 4.55
N LEU A 85 14.48 18.27 4.42
CA LEU A 85 13.82 18.93 3.31
C LEU A 85 14.77 19.98 2.74
N CYS A 86 14.88 20.07 1.43
CA CYS A 86 15.64 21.13 0.80
C CYS A 86 14.55 22.06 0.33
N VAL A 87 14.55 23.33 0.73
CA VAL A 87 13.48 24.24 0.36
C VAL A 87 14.01 25.52 -0.25
N TRP A 88 13.21 26.15 -1.09
CA TRP A 88 13.47 27.45 -1.66
C TRP A 88 13.00 28.41 -0.58
N ASN A 89 13.81 29.30 -0.04
CA ASN A 89 13.38 30.14 1.09
C ASN A 89 13.04 31.60 0.76
N ASN A 90 12.91 31.83 -0.53
CA ASN A 90 12.52 33.11 -1.02
C ASN A 90 11.03 33.31 -0.94
N LYS A 91 10.17 32.32 -0.72
CA LYS A 91 8.73 32.54 -0.53
C LYS A 91 8.17 31.96 0.76
N THR A 92 6.97 32.33 1.21
CA THR A 92 6.36 31.82 2.43
C THR A 92 5.02 31.19 2.10
N PRO A 93 4.68 29.96 2.48
CA PRO A 93 5.55 28.98 3.12
C PRO A 93 6.72 28.63 2.23
N ASN A 94 7.87 28.27 2.78
CA ASN A 94 8.99 27.80 1.99
C ASN A 94 8.48 26.64 1.14
N SER A 95 9.06 26.61 -0.04
CA SER A 95 8.61 25.72 -1.08
C SER A 95 9.52 24.49 -1.16
N ILE A 96 9.04 23.25 -1.26
CA ILE A 96 9.90 22.08 -1.26
C ILE A 96 10.52 21.83 -2.65
N ALA A 97 11.83 21.62 -2.58
CA ALA A 97 12.62 21.27 -3.76
C ALA A 97 12.99 19.80 -3.72
N ALA A 98 13.24 19.22 -2.53
CA ALA A 98 13.65 17.83 -2.38
C ALA A 98 13.37 17.34 -0.95
N ILE A 99 13.19 16.05 -0.78
CA ILE A 99 12.81 15.43 0.48
C ILE A 99 13.68 14.20 0.65
N SER A 100 14.16 13.86 1.85
CA SER A 100 14.82 12.57 2.06
C SER A 100 14.22 11.89 3.30
N MET A 101 14.19 10.57 3.30
CA MET A 101 13.63 9.77 4.38
C MET A 101 14.66 8.69 4.66
N LYS A 102 14.93 8.29 5.87
CA LYS A 102 15.76 7.12 6.06
C LYS A 102 15.11 6.28 7.15
N ASN A 103 15.38 5.03 6.84
CA ASN A 103 14.80 3.86 7.44
C ASN A 103 15.84 3.12 8.29
N ALA B 1 12.34 -12.84 -25.41
CA ALA B 1 12.74 -11.73 -24.57
C ALA B 1 13.49 -12.43 -23.44
N PRO B 2 14.35 -11.76 -22.64
CA PRO B 2 14.95 -12.36 -21.45
C PRO B 2 13.95 -12.90 -20.44
N GLN B 3 14.42 -13.88 -19.71
CA GLN B 3 13.61 -14.51 -18.72
C GLN B 3 14.03 -14.07 -17.33
N THR B 4 15.22 -13.48 -17.15
CA THR B 4 15.65 -13.09 -15.82
C THR B 4 16.34 -11.76 -15.95
N ILE B 5 16.58 -11.13 -14.79
CA ILE B 5 17.27 -9.86 -14.73
C ILE B 5 18.73 -10.05 -15.14
N THR B 6 19.39 -11.18 -14.96
CA THR B 6 20.78 -11.33 -15.36
C THR B 6 20.86 -11.43 -16.88
N GLU B 7 19.95 -12.18 -17.46
CA GLU B 7 19.86 -12.36 -18.89
C GLU B 7 19.59 -11.01 -19.54
N LEU B 8 18.59 -10.27 -19.06
CA LEU B 8 18.29 -8.92 -19.57
C LEU B 8 19.48 -7.98 -19.42
N CYS B 9 20.17 -7.96 -18.28
CA CYS B 9 21.26 -7.04 -18.04
C CYS B 9 22.43 -7.36 -18.96
N SER B 10 22.64 -8.63 -19.28
CA SER B 10 23.69 -9.00 -20.17
C SER B 10 23.52 -8.46 -21.56
N GLU B 11 22.30 -8.15 -22.00
CA GLU B 11 22.13 -7.63 -23.34
C GLU B 11 22.65 -6.22 -23.51
N TYR B 12 23.16 -5.57 -22.47
CA TYR B 12 23.51 -4.18 -22.61
C TYR B 12 24.98 -4.00 -22.32
N ARG B 13 25.58 -3.01 -23.00
CA ARG B 13 26.97 -2.62 -22.77
C ARG B 13 26.98 -1.68 -21.54
N ASN B 14 28.02 -1.77 -20.71
CA ASN B 14 28.21 -0.92 -19.52
C ASN B 14 27.20 -1.13 -18.40
N THR B 15 26.76 -2.39 -18.22
CA THR B 15 25.86 -2.67 -17.13
C THR B 15 26.56 -3.66 -16.22
N GLN B 16 26.11 -3.76 -14.97
CA GLN B 16 26.53 -4.78 -14.03
C GLN B 16 25.41 -5.10 -13.07
N ILE B 17 25.27 -6.35 -12.71
CA ILE B 17 24.29 -6.79 -11.79
C ILE B 17 24.86 -6.52 -10.38
N TYR B 18 24.12 -5.96 -9.40
CA TYR B 18 24.54 -5.95 -8.00
C TYR B 18 23.57 -6.85 -7.22
N THR B 19 24.02 -7.83 -6.44
CA THR B 19 23.09 -8.57 -5.61
C THR B 19 23.05 -7.76 -4.33
N ILE B 20 21.84 -7.30 -4.08
CA ILE B 20 21.60 -6.45 -2.94
C ILE B 20 21.08 -7.25 -1.75
N ASN B 21 19.98 -7.97 -1.98
CA ASN B 21 19.26 -8.73 -0.97
C ASN B 21 19.12 -7.96 0.34
N ASP B 22 18.58 -6.74 0.27
CA ASP B 22 18.41 -5.91 1.43
C ASP B 22 17.38 -4.85 1.04
N LYS B 23 16.78 -4.25 2.05
CA LYS B 23 15.84 -3.20 1.87
C LYS B 23 16.60 -1.90 1.67
N ILE B 24 15.93 -0.90 1.15
CA ILE B 24 16.50 0.43 0.94
C ILE B 24 16.65 1.14 2.27
N LEU B 25 17.79 1.77 2.49
CA LEU B 25 17.99 2.45 3.72
C LEU B 25 17.54 3.87 3.63
N SER B 26 17.83 4.62 2.57
CA SER B 26 17.31 5.98 2.48
C SER B 26 16.74 6.27 1.10
N TYR B 27 15.83 7.18 0.98
CA TYR B 27 15.19 7.50 -0.27
C TYR B 27 15.26 9.01 -0.39
N THR B 28 15.75 9.56 -1.51
CA THR B 28 15.74 11.00 -1.72
C THR B 28 15.05 11.28 -3.07
N GLU B 29 14.20 12.30 -3.10
CA GLU B 29 13.46 12.66 -4.29
C GLU B 29 13.57 14.16 -4.51
N SER B 30 13.93 14.53 -5.72
CA SER B 30 14.08 15.91 -6.10
C SER B 30 13.16 16.33 -7.23
N MET B 31 12.63 17.53 -7.08
CA MET B 31 11.87 18.19 -8.10
C MET B 31 12.60 19.45 -8.48
N ALA B 32 13.82 19.68 -7.99
CA ALA B 32 14.59 20.82 -8.43
C ALA B 32 14.90 20.70 -9.96
N GLY B 33 14.80 21.81 -10.73
CA GLY B 33 15.05 21.90 -12.17
C GLY B 33 16.37 21.32 -12.63
N LYS B 34 16.25 20.42 -13.61
CA LYS B 34 17.33 19.65 -14.18
C LYS B 34 17.86 18.59 -13.24
N ARG B 35 17.27 18.37 -12.07
CA ARG B 35 17.70 17.28 -11.22
C ARG B 35 16.44 16.59 -10.75
N GLU B 36 15.52 16.26 -11.65
CA GLU B 36 14.27 15.58 -11.27
C GLU B 36 14.64 14.10 -11.31
N MET B 37 15.00 13.63 -10.13
CA MET B 37 15.58 12.32 -9.95
C MET B 37 15.24 11.78 -8.55
N VAL B 38 15.56 10.48 -8.44
CA VAL B 38 15.45 9.79 -7.15
C VAL B 38 16.84 9.21 -6.83
N ILE B 39 17.30 9.27 -5.58
CA ILE B 39 18.56 8.63 -5.17
C ILE B 39 18.21 7.63 -4.04
N ILE B 40 18.71 6.39 -4.07
CA ILE B 40 18.51 5.42 -3.00
C ILE B 40 19.84 4.91 -2.44
N THR B 41 19.97 4.60 -1.14
CA THR B 41 21.21 4.07 -0.61
C THR B 41 20.88 2.84 0.20
N PHE B 42 21.93 2.06 0.46
CA PHE B 42 21.81 0.82 1.19
C PHE B 42 22.79 0.89 2.34
N LYS B 43 22.60 0.05 3.36
CA LYS B 43 23.54 0.06 4.47
C LYS B 43 24.94 -0.42 4.10
N SER B 44 25.12 -1.02 2.94
CA SER B 44 26.41 -1.37 2.38
C SER B 44 27.29 -0.18 2.04
N GLY B 45 26.67 0.99 1.88
CA GLY B 45 27.37 2.17 1.49
C GLY B 45 27.09 2.50 0.02
N GLU B 46 26.49 1.61 -0.77
CA GLU B 46 26.16 1.82 -2.18
C GLU B 46 25.11 2.87 -2.43
N THR B 47 25.24 3.71 -3.43
CA THR B 47 24.23 4.70 -3.76
C THR B 47 23.87 4.49 -5.24
N PHE B 48 22.60 4.57 -5.66
CA PHE B 48 22.15 4.40 -7.03
C PHE B 48 21.14 5.49 -7.29
N GLN B 49 20.87 5.85 -8.53
CA GLN B 49 19.99 6.94 -8.86
C GLN B 49 19.12 6.42 -9.96
N VAL B 50 17.93 7.04 -10.11
CA VAL B 50 17.15 6.89 -11.32
C VAL B 50 17.41 8.27 -11.94
N GLU B 51 17.98 8.23 -13.12
CA GLU B 51 18.40 9.45 -13.79
C GLU B 51 17.29 10.31 -14.35
N VAL B 52 17.63 11.62 -14.41
CA VAL B 52 16.78 12.67 -14.99
C VAL B 52 16.54 12.25 -16.44
N PRO B 53 15.30 12.17 -16.97
CA PRO B 53 15.02 11.90 -18.37
C PRO B 53 15.79 12.93 -19.18
N GLY B 54 16.39 12.43 -20.25
CA GLY B 54 17.36 13.23 -20.98
C GLY B 54 17.48 12.81 -22.43
N SER B 55 18.53 13.36 -23.00
CA SER B 55 18.86 13.23 -24.40
C SER B 55 19.10 11.78 -24.78
N GLN B 56 19.77 11.00 -23.94
CA GLN B 56 20.04 9.67 -24.41
C GLN B 56 18.86 8.73 -24.12
N HIS B 57 17.65 9.27 -23.85
CA HIS B 57 16.45 8.48 -23.50
C HIS B 57 15.41 8.46 -24.59
N ILE B 58 15.30 7.25 -25.15
CA ILE B 58 14.31 7.01 -26.19
C ILE B 58 12.95 7.20 -25.52
N ASP B 59 11.87 7.57 -26.23
CA ASP B 59 10.63 7.90 -25.53
C ASP B 59 9.83 6.81 -24.80
N SER B 60 9.98 5.55 -25.19
CA SER B 60 9.34 4.47 -24.45
C SER B 60 9.96 4.41 -23.05
N GLN B 61 11.25 4.78 -22.89
CA GLN B 61 11.91 4.80 -21.60
C GLN B 61 11.34 5.88 -20.70
N LYS B 62 10.68 6.90 -21.24
CA LYS B 62 10.18 7.97 -20.40
C LYS B 62 9.06 7.52 -19.48
N LYS B 63 8.13 6.75 -20.03
CA LYS B 63 7.07 6.24 -19.16
C LYS B 63 7.68 5.16 -18.21
N ALA B 64 8.78 4.47 -18.56
CA ALA B 64 9.39 3.50 -17.67
C ALA B 64 10.21 4.20 -16.56
N ILE B 65 10.81 5.37 -16.73
CA ILE B 65 11.55 6.06 -15.65
C ILE B 65 10.57 6.41 -14.52
N GLU B 66 9.36 6.80 -14.92
CA GLU B 66 8.32 7.26 -14.01
C GLU B 66 7.85 6.09 -13.22
N ARG B 67 7.64 4.96 -13.86
CA ARG B 67 7.23 3.76 -13.16
C ARG B 67 8.26 3.32 -12.12
N MET B 68 9.55 3.39 -12.42
CA MET B 68 10.63 2.96 -11.57
C MET B 68 10.65 3.83 -10.33
N LYS B 69 10.47 5.14 -10.43
CA LYS B 69 10.43 5.98 -9.25
C LYS B 69 9.23 5.62 -8.34
N ASP B 70 8.05 5.30 -8.88
CA ASP B 70 6.91 4.86 -8.11
C ASP B 70 7.20 3.52 -7.44
N THR B 71 7.86 2.58 -8.15
CA THR B 71 8.20 1.29 -7.58
C THR B 71 9.17 1.53 -6.47
N LEU B 72 10.19 2.37 -6.60
CA LEU B 72 11.11 2.56 -5.54
C LEU B 72 10.49 3.24 -4.32
N ARG B 73 9.55 4.21 -4.49
CA ARG B 73 8.94 4.81 -3.32
C ARG B 73 8.15 3.79 -2.45
N ILE B 74 7.36 2.92 -3.04
CA ILE B 74 6.56 1.99 -2.29
C ILE B 74 7.46 0.85 -1.80
N THR B 75 8.51 0.41 -2.50
CA THR B 75 9.47 -0.57 -1.98
C THR B 75 10.12 -0.02 -0.72
N TYR B 76 10.60 1.23 -0.74
CA TYR B 76 11.13 1.86 0.43
C TYR B 76 10.14 1.90 1.58
N LEU B 77 8.91 2.37 1.39
CA LEU B 77 7.94 2.51 2.49
C LEU B 77 7.56 1.19 3.11
N THR B 78 7.53 0.09 2.38
CA THR B 78 7.16 -1.20 2.91
C THR B 78 8.30 -2.08 3.39
N GLU B 79 9.52 -1.53 3.28
CA GLU B 79 10.77 -2.21 3.60
C GLU B 79 10.94 -3.48 2.83
N THR B 80 10.43 -3.59 1.61
CA THR B 80 10.60 -4.80 0.84
C THR B 80 12.04 -4.98 0.43
N LYS B 81 12.59 -6.19 0.46
CA LYS B 81 13.99 -6.39 0.04
C LYS B 81 14.08 -6.44 -1.47
N ILE B 82 15.07 -5.71 -1.98
CA ILE B 82 15.45 -5.77 -3.37
C ILE B 82 16.42 -6.94 -3.48
N ASP B 83 16.23 -7.76 -4.49
CA ASP B 83 17.11 -8.86 -4.69
C ASP B 83 18.31 -8.40 -5.52
N LYS B 84 18.15 -8.09 -6.79
CA LYS B 84 19.28 -7.68 -7.61
C LYS B 84 19.01 -6.35 -8.26
N LEU B 85 20.05 -5.60 -8.64
CA LEU B 85 19.86 -4.40 -9.44
C LEU B 85 20.67 -4.54 -10.74
N CYS B 86 20.15 -4.23 -11.92
CA CYS B 86 20.97 -4.17 -13.10
C CYS B 86 21.23 -2.67 -13.25
N VAL B 87 22.48 -2.20 -13.23
CA VAL B 87 22.82 -0.78 -13.27
C VAL B 87 23.79 -0.42 -14.40
N TRP B 88 23.72 0.77 -14.95
CA TRP B 88 24.71 1.29 -15.88
C TRP B 88 25.85 1.84 -15.02
N ASN B 89 27.04 1.30 -15.22
CA ASN B 89 28.22 1.76 -14.47
C ASN B 89 28.93 3.00 -15.06
N ASN B 90 28.44 3.64 -16.13
CA ASN B 90 29.09 4.85 -16.66
C ASN B 90 28.51 6.19 -16.19
N LYS B 91 27.77 6.12 -15.09
CA LYS B 91 27.20 7.28 -14.45
C LYS B 91 27.52 7.23 -12.96
N THR B 92 27.76 8.37 -12.35
CA THR B 92 27.96 8.53 -10.91
C THR B 92 26.85 9.35 -10.27
N PRO B 93 26.01 8.85 -9.35
CA PRO B 93 25.91 7.43 -8.95
C PRO B 93 25.55 6.49 -10.09
N ASN B 94 25.82 5.20 -10.03
CA ASN B 94 25.42 4.31 -11.09
C ASN B 94 23.92 4.41 -11.23
N SER B 95 23.43 4.20 -12.43
CA SER B 95 22.07 4.45 -12.77
C SER B 95 21.28 3.16 -12.85
N ILE B 96 20.09 3.08 -12.26
CA ILE B 96 19.29 1.87 -12.31
C ILE B 96 18.67 1.56 -13.67
N ALA B 97 18.87 0.35 -14.19
CA ALA B 97 18.26 -0.08 -15.44
C ALA B 97 17.16 -1.08 -15.15
N ALA B 98 17.31 -1.94 -14.14
CA ALA B 98 16.25 -2.89 -13.80
C ALA B 98 16.37 -3.32 -12.34
N ILE B 99 15.27 -3.85 -11.79
CA ILE B 99 15.16 -4.16 -10.40
C ILE B 99 14.42 -5.50 -10.35
N SER B 100 14.80 -6.36 -9.39
CA SER B 100 14.01 -7.55 -9.13
C SER B 100 13.82 -7.73 -7.61
N MET B 101 12.71 -8.30 -7.19
CA MET B 101 12.42 -8.54 -5.80
C MET B 101 11.83 -9.95 -5.77
N LYS B 102 12.04 -10.76 -4.75
CA LYS B 102 11.31 -12.03 -4.71
C LYS B 102 10.90 -12.26 -3.25
N ASN B 103 9.86 -13.08 -3.10
CA ASN B 103 9.16 -13.45 -1.87
C ASN B 103 8.52 -12.28 -1.09
N ALA C 1 -20.49 -9.01 -24.30
CA ALA C 1 -19.06 -9.07 -24.07
C ALA C 1 -18.83 -10.44 -23.39
N PRO C 2 -17.62 -11.02 -23.31
CA PRO C 2 -17.28 -12.17 -22.46
C PRO C 2 -17.60 -11.90 -20.99
N GLN C 3 -17.89 -12.95 -20.23
CA GLN C 3 -18.19 -12.76 -18.82
C GLN C 3 -17.18 -13.46 -17.91
N THR C 4 -16.19 -14.08 -18.57
CA THR C 4 -15.22 -14.93 -17.91
C THR C 4 -13.89 -14.78 -18.61
N ILE C 5 -12.77 -15.00 -17.90
CA ILE C 5 -11.46 -14.99 -18.53
C ILE C 5 -11.26 -16.17 -19.45
N THR C 6 -11.78 -17.38 -19.19
CA THR C 6 -11.55 -18.49 -20.13
C THR C 6 -12.30 -18.25 -21.42
N GLU C 7 -13.50 -17.66 -21.28
CA GLU C 7 -14.24 -17.30 -22.46
C GLU C 7 -13.69 -16.06 -23.11
N LEU C 8 -13.11 -15.05 -22.45
CA LEU C 8 -12.43 -13.96 -23.16
C LEU C 8 -11.22 -14.46 -23.93
N CYS C 9 -10.45 -15.36 -23.30
CA CYS C 9 -9.22 -15.91 -23.87
C CYS C 9 -9.47 -16.75 -25.13
N SER C 10 -10.54 -17.57 -25.07
CA SER C 10 -11.06 -18.41 -26.14
C SER C 10 -11.25 -17.76 -27.51
N GLU C 11 -11.32 -16.46 -27.45
CA GLU C 11 -11.66 -15.68 -28.60
C GLU C 11 -10.46 -15.11 -29.33
N TYR C 12 -9.24 -15.39 -28.92
CA TYR C 12 -8.07 -14.87 -29.59
C TYR C 12 -7.32 -16.07 -30.11
N ARG C 13 -6.43 -15.84 -31.08
CA ARG C 13 -5.62 -16.95 -31.55
C ARG C 13 -4.35 -16.98 -30.70
N ASN C 14 -3.83 -18.16 -30.44
CA ASN C 14 -2.58 -18.36 -29.72
C ASN C 14 -2.60 -17.94 -28.26
N THR C 15 -3.71 -18.27 -27.62
CA THR C 15 -3.83 -17.97 -26.21
C THR C 15 -3.94 -19.26 -25.41
N GLN C 16 -3.67 -19.22 -24.12
CA GLN C 16 -3.72 -20.38 -23.28
C GLN C 16 -4.13 -19.87 -21.92
N ILE C 17 -5.06 -20.55 -21.27
CA ILE C 17 -5.38 -20.30 -19.86
C ILE C 17 -4.40 -21.14 -19.00
N TYR C 18 -3.85 -20.53 -17.94
CA TYR C 18 -3.01 -21.18 -16.96
C TYR C 18 -3.74 -21.01 -15.65
N THR C 19 -4.04 -22.06 -14.90
CA THR C 19 -4.60 -21.91 -13.57
C THR C 19 -3.38 -21.94 -12.68
N ILE C 20 -3.24 -20.81 -11.98
CA ILE C 20 -2.12 -20.59 -11.08
C ILE C 20 -2.49 -20.80 -9.62
N ASN C 21 -3.50 -20.14 -9.04
CA ASN C 21 -3.87 -20.24 -7.63
C ASN C 21 -2.67 -20.15 -6.70
N ASP C 22 -1.89 -19.10 -6.99
CA ASP C 22 -0.71 -18.81 -6.21
C ASP C 22 -0.32 -17.35 -6.38
N LYS C 23 0.40 -16.91 -5.36
CA LYS C 23 0.93 -15.57 -5.36
C LYS C 23 2.21 -15.56 -6.22
N ILE C 24 2.65 -14.38 -6.63
CA ILE C 24 3.84 -14.19 -7.45
C ILE C 24 5.09 -14.42 -6.60
N LEU C 25 6.06 -15.16 -7.13
CA LEU C 25 7.32 -15.40 -6.43
C LEU C 25 8.28 -14.25 -6.62
N SER C 26 8.52 -13.83 -7.84
CA SER C 26 9.40 -12.70 -8.04
C SER C 26 8.79 -11.78 -9.09
N TYR C 27 9.22 -10.53 -9.02
CA TYR C 27 8.84 -9.45 -9.93
C TYR C 27 10.13 -8.76 -10.39
N THR C 28 10.30 -8.57 -11.70
CA THR C 28 11.43 -7.85 -12.31
C THR C 28 10.78 -6.77 -13.18
N GLU C 29 11.34 -5.59 -13.09
CA GLU C 29 10.88 -4.38 -13.78
C GLU C 29 12.10 -3.76 -14.44
N SER C 30 12.00 -3.45 -15.72
CA SER C 30 13.05 -2.90 -16.53
C SER C 30 12.63 -1.59 -17.18
N MET C 31 13.52 -0.62 -17.14
CA MET C 31 13.30 0.61 -17.88
C MET C 31 14.42 0.66 -18.95
N ALA C 32 15.17 -0.42 -19.22
CA ALA C 32 16.21 -0.41 -20.24
C ALA C 32 15.57 -0.22 -21.64
N GLY C 33 16.18 0.60 -22.51
CA GLY C 33 15.66 0.91 -23.83
C GLY C 33 15.35 -0.34 -24.63
N LYS C 34 14.09 -0.42 -25.07
CA LYS C 34 13.48 -1.54 -25.80
C LYS C 34 13.16 -2.79 -24.98
N ARG C 35 13.46 -2.74 -23.67
CA ARG C 35 13.16 -3.82 -22.73
C ARG C 35 12.37 -3.22 -21.57
N GLU C 36 11.46 -2.29 -21.85
CA GLU C 36 10.64 -1.69 -20.81
C GLU C 36 9.49 -2.68 -20.62
N MET C 37 9.65 -3.59 -19.64
CA MET C 37 8.74 -4.69 -19.47
C MET C 37 8.72 -5.14 -18.01
N VAL C 38 7.81 -6.01 -17.61
CA VAL C 38 7.76 -6.60 -16.27
C VAL C 38 7.83 -8.10 -16.53
N ILE C 39 8.55 -8.85 -15.71
CA ILE C 39 8.61 -10.31 -15.82
C ILE C 39 8.18 -10.79 -14.42
N ILE C 40 7.27 -11.75 -14.35
CA ILE C 40 6.86 -12.33 -13.07
C ILE C 40 7.12 -13.85 -13.11
N THR C 41 7.48 -14.49 -11.98
CA THR C 41 7.63 -15.94 -11.96
C THR C 41 6.80 -16.47 -10.82
N PHE C 42 6.49 -17.77 -10.88
CA PHE C 42 5.76 -18.49 -9.86
C PHE C 42 6.62 -19.60 -9.28
N LYS C 43 6.41 -20.13 -8.09
CA LYS C 43 7.31 -21.16 -7.56
C LYS C 43 7.30 -22.43 -8.38
N SER C 44 6.19 -22.70 -9.05
CA SER C 44 6.08 -23.81 -9.96
C SER C 44 7.05 -23.76 -11.15
N GLY C 45 7.72 -22.61 -11.39
CA GLY C 45 8.69 -22.45 -12.49
C GLY C 45 8.20 -21.59 -13.66
N GLU C 46 6.90 -21.30 -13.76
CA GLU C 46 6.37 -20.48 -14.83
C GLU C 46 6.83 -19.03 -14.75
N THR C 47 7.29 -18.51 -15.89
CA THR C 47 7.70 -17.11 -16.10
C THR C 47 6.79 -16.52 -17.18
N PHE C 48 6.29 -15.30 -16.93
CA PHE C 48 5.40 -14.62 -17.85
C PHE C 48 5.90 -13.20 -17.92
N GLN C 49 5.67 -12.52 -19.05
CA GLN C 49 6.06 -11.14 -19.23
C GLN C 49 4.85 -10.29 -19.63
N VAL C 50 4.94 -8.97 -19.37
CA VAL C 50 4.02 -8.00 -19.96
C VAL C 50 4.95 -7.42 -21.04
N GLU C 51 4.57 -7.61 -22.29
CA GLU C 51 5.37 -7.18 -23.42
C GLU C 51 5.64 -5.69 -23.47
N VAL C 52 6.77 -5.41 -24.11
CA VAL C 52 7.25 -4.07 -24.46
C VAL C 52 6.19 -3.55 -25.43
N PRO C 53 5.67 -2.34 -25.24
CA PRO C 53 4.68 -1.77 -26.13
C PRO C 53 5.31 -1.71 -27.53
N GLY C 54 4.88 -2.72 -28.27
CA GLY C 54 5.28 -2.86 -29.65
C GLY C 54 4.26 -2.23 -30.59
N SER C 55 4.68 -2.37 -31.85
CA SER C 55 3.92 -1.88 -32.97
C SER C 55 2.54 -2.48 -33.09
N GLN C 56 2.30 -3.76 -32.77
CA GLN C 56 0.95 -4.26 -32.97
C GLN C 56 -0.08 -3.73 -31.96
N HIS C 57 0.25 -2.69 -31.19
CA HIS C 57 -0.68 -2.22 -30.18
C HIS C 57 -1.33 -0.93 -30.62
N ILE C 58 -2.63 -1.00 -30.39
CA ILE C 58 -3.55 0.12 -30.55
C ILE C 58 -3.37 1.02 -29.32
N ASP C 59 -3.84 2.26 -29.23
CA ASP C 59 -3.60 3.08 -28.03
C ASP C 59 -4.43 2.78 -26.78
N SER C 60 -5.56 2.09 -27.02
CA SER C 60 -6.40 1.56 -25.96
C SER C 60 -5.50 0.53 -25.27
N GLN C 61 -4.75 -0.24 -26.09
CA GLN C 61 -3.80 -1.18 -25.57
C GLN C 61 -2.62 -0.51 -24.87
N LYS C 62 -2.13 0.68 -25.25
CA LYS C 62 -1.06 1.32 -24.52
C LYS C 62 -1.40 1.59 -23.06
N LYS C 63 -2.55 2.22 -22.82
CA LYS C 63 -3.03 2.44 -21.47
C LYS C 63 -3.32 1.09 -20.78
N ALA C 64 -3.84 0.04 -21.42
CA ALA C 64 -4.08 -1.22 -20.74
C ALA C 64 -2.82 -1.97 -20.33
N ILE C 65 -1.70 -1.83 -21.07
CA ILE C 65 -0.42 -2.45 -20.74
C ILE C 65 0.09 -1.77 -19.47
N GLU C 66 -0.08 -0.46 -19.36
CA GLU C 66 0.36 0.26 -18.18
C GLU C 66 -0.43 -0.18 -16.95
N ARG C 67 -1.75 -0.33 -17.12
CA ARG C 67 -2.59 -0.81 -16.04
C ARG C 67 -2.17 -2.20 -15.58
N MET C 68 -1.90 -3.13 -16.50
CA MET C 68 -1.51 -4.47 -16.13
C MET C 68 -0.22 -4.44 -15.37
N LYS C 69 0.76 -3.63 -15.74
CA LYS C 69 1.94 -3.53 -14.94
C LYS C 69 1.63 -3.01 -13.55
N ASP C 70 0.71 -2.09 -13.42
CA ASP C 70 0.30 -1.59 -12.11
C ASP C 70 -0.30 -2.72 -11.28
N THR C 71 -1.19 -3.52 -11.87
CA THR C 71 -1.82 -4.62 -11.17
C THR C 71 -0.81 -5.65 -10.69
N LEU C 72 0.19 -5.98 -11.52
CA LEU C 72 1.14 -7.00 -11.11
C LEU C 72 2.05 -6.51 -9.98
N ARG C 73 2.51 -5.24 -9.95
CA ARG C 73 3.28 -4.74 -8.83
C ARG C 73 2.46 -4.78 -7.55
N ILE C 74 1.21 -4.30 -7.53
CA ILE C 74 0.41 -4.30 -6.31
C ILE C 74 0.05 -5.75 -5.89
N THR C 75 -0.17 -6.67 -6.81
CA THR C 75 -0.46 -8.05 -6.47
C THR C 75 0.74 -8.73 -5.83
N TYR C 76 1.93 -8.52 -6.39
CA TYR C 76 3.17 -9.03 -5.86
C TYR C 76 3.34 -8.46 -4.46
N LEU C 77 3.20 -7.15 -4.25
CA LEU C 77 3.47 -6.59 -2.94
C LEU C 77 2.48 -7.01 -1.88
N THR C 78 1.22 -7.19 -2.22
CA THR C 78 0.23 -7.61 -1.24
C THR C 78 0.09 -9.14 -1.13
N GLU C 79 0.87 -9.88 -1.94
CA GLU C 79 0.92 -11.33 -1.93
C GLU C 79 -0.45 -11.88 -2.22
N THR C 80 -1.23 -11.22 -3.04
CA THR C 80 -2.55 -11.70 -3.44
C THR C 80 -2.42 -12.89 -4.41
N LYS C 81 -3.10 -14.01 -4.17
CA LYS C 81 -3.09 -15.12 -5.12
C LYS C 81 -3.78 -14.75 -6.42
N ILE C 82 -3.14 -15.14 -7.51
CA ILE C 82 -3.69 -15.00 -8.82
C ILE C 82 -4.47 -16.28 -9.10
N ASP C 83 -5.65 -16.25 -9.64
CA ASP C 83 -6.31 -17.47 -9.98
C ASP C 83 -5.86 -17.97 -11.36
N LYS C 84 -6.28 -17.33 -12.45
CA LYS C 84 -5.91 -17.75 -13.80
C LYS C 84 -5.19 -16.65 -14.61
N LEU C 85 -4.30 -17.01 -15.55
CA LEU C 85 -3.73 -16.08 -16.52
C LEU C 85 -4.11 -16.60 -17.89
N CYS C 86 -4.44 -15.67 -18.76
CA CYS C 86 -4.71 -15.93 -20.17
C CYS C 86 -3.46 -15.32 -20.73
N VAL C 87 -2.76 -16.08 -21.55
CA VAL C 87 -1.48 -15.70 -22.12
C VAL C 87 -1.42 -15.95 -23.63
N TRP C 88 -0.53 -15.27 -24.35
CA TRP C 88 -0.20 -15.54 -25.73
C TRP C 88 0.94 -16.50 -25.62
N ASN C 89 0.72 -17.65 -26.22
CA ASN C 89 1.68 -18.74 -26.13
C ASN C 89 2.65 -18.79 -27.30
N ASN C 90 2.62 -17.82 -28.17
CA ASN C 90 3.58 -17.79 -29.24
C ASN C 90 4.67 -16.77 -28.89
N LYS C 91 4.93 -16.49 -27.61
CA LYS C 91 5.95 -15.55 -27.19
C LYS C 91 6.80 -16.26 -26.15
N THR C 92 8.08 -15.90 -26.01
CA THR C 92 8.87 -16.43 -24.90
C THR C 92 9.56 -15.31 -24.09
N PRO C 93 9.32 -15.15 -22.78
CA PRO C 93 8.31 -15.88 -22.03
C PRO C 93 6.88 -15.66 -22.51
N ASN C 94 5.89 -16.50 -22.23
CA ASN C 94 4.53 -16.20 -22.64
C ASN C 94 4.11 -14.84 -22.10
N SER C 95 3.29 -14.17 -22.88
CA SER C 95 2.95 -12.80 -22.62
C SER C 95 1.55 -12.68 -22.04
N ILE C 96 1.32 -11.89 -21.00
CA ILE C 96 0.00 -11.80 -20.40
C ILE C 96 -0.99 -10.98 -21.22
N ALA C 97 -2.19 -11.54 -21.41
CA ALA C 97 -3.30 -10.90 -22.05
C ALA C 97 -4.34 -10.58 -21.00
N ALA C 98 -4.55 -11.34 -19.91
CA ALA C 98 -5.55 -11.00 -18.91
C ALA C 98 -5.27 -11.76 -17.63
N ILE C 99 -5.78 -11.33 -16.48
CA ILE C 99 -5.54 -11.96 -15.21
C ILE C 99 -6.87 -11.99 -14.44
N SER C 100 -7.08 -13.01 -13.59
CA SER C 100 -8.23 -13.02 -12.71
C SER C 100 -7.76 -13.37 -11.33
N MET C 101 -8.48 -12.84 -10.37
CA MET C 101 -8.20 -13.04 -8.97
C MET C 101 -9.54 -13.31 -8.34
N LYS C 102 -9.61 -14.23 -7.39
CA LYS C 102 -10.85 -14.64 -6.82
C LYS C 102 -10.68 -14.74 -5.31
N ASN C 103 -11.78 -14.34 -4.69
CA ASN C 103 -12.11 -14.28 -3.27
C ASN C 103 -11.41 -13.11 -2.63
N ALA D 1 -24.68 17.78 -9.25
CA ALA D 1 -25.95 18.14 -8.65
C ALA D 1 -26.93 17.03 -8.24
N PRO D 2 -26.95 15.75 -8.70
CA PRO D 2 -27.48 14.60 -7.92
C PRO D 2 -26.85 14.54 -6.55
N GLN D 3 -27.52 14.10 -5.51
CA GLN D 3 -26.87 14.03 -4.21
C GLN D 3 -26.70 12.55 -3.87
N THR D 4 -27.22 11.60 -4.65
CA THR D 4 -27.13 10.19 -4.36
C THR D 4 -27.05 9.42 -5.66
N ILE D 5 -26.62 8.16 -5.63
CA ILE D 5 -26.55 7.31 -6.81
C ILE D 5 -27.94 7.01 -7.39
N THR D 6 -29.06 6.98 -6.61
CA THR D 6 -30.41 6.69 -7.16
C THR D 6 -30.90 7.86 -8.05
N GLU D 7 -30.72 9.09 -7.54
CA GLU D 7 -30.94 10.37 -8.23
C GLU D 7 -30.23 10.47 -9.56
N LEU D 8 -28.92 10.20 -9.48
CA LEU D 8 -28.08 10.20 -10.64
C LEU D 8 -28.48 9.14 -11.64
N CYS D 9 -28.73 7.93 -11.15
CA CYS D 9 -29.03 6.82 -12.00
C CYS D 9 -30.31 7.06 -12.81
N SER D 10 -31.36 7.62 -12.15
CA SER D 10 -32.63 7.97 -12.81
C SER D 10 -32.55 9.03 -13.91
N GLU D 11 -31.43 9.71 -14.17
CA GLU D 11 -31.27 10.69 -15.24
C GLU D 11 -30.92 10.10 -16.60
N TYR D 12 -30.71 8.80 -16.72
CA TYR D 12 -30.27 8.21 -18.00
C TYR D 12 -31.26 7.20 -18.52
N ARG D 13 -31.21 6.93 -19.82
CA ARG D 13 -32.09 5.93 -20.39
C ARG D 13 -31.41 4.59 -20.16
N ASN D 14 -32.16 3.52 -19.92
CA ASN D 14 -31.62 2.18 -19.78
C ASN D 14 -30.74 1.89 -18.57
N THR D 15 -30.96 2.54 -17.44
CA THR D 15 -30.20 2.22 -16.26
C THR D 15 -31.02 1.49 -15.19
N GLN D 16 -30.34 0.83 -14.27
CA GLN D 16 -30.97 0.10 -13.20
C GLN D 16 -30.11 0.21 -11.94
N ILE D 17 -30.69 0.43 -10.76
CA ILE D 17 -29.99 0.34 -9.50
C ILE D 17 -29.98 -1.11 -9.10
N TYR D 18 -28.84 -1.62 -8.65
CA TYR D 18 -28.63 -2.95 -8.10
C TYR D 18 -28.18 -2.76 -6.66
N THR D 19 -28.83 -3.33 -5.63
CA THR D 19 -28.27 -3.30 -4.29
C THR D 19 -27.46 -4.57 -4.14
N ILE D 20 -26.17 -4.37 -3.93
CA ILE D 20 -25.26 -5.46 -3.84
C ILE D 20 -24.99 -5.75 -2.37
N ASN D 21 -24.61 -4.73 -1.61
CA ASN D 21 -24.26 -4.85 -0.21
C ASN D 21 -23.36 -6.07 0.08
N ASP D 22 -22.23 -6.14 -0.65
CA ASP D 22 -21.30 -7.26 -0.51
C ASP D 22 -19.97 -6.83 -1.11
N LYS D 23 -18.86 -7.53 -0.82
CA LYS D 23 -17.59 -7.24 -1.43
C LYS D 23 -17.50 -8.00 -2.76
N ILE D 24 -16.59 -7.60 -3.65
CA ILE D 24 -16.38 -8.24 -4.95
C ILE D 24 -15.88 -9.68 -4.75
N LEU D 25 -16.44 -10.66 -5.47
CA LEU D 25 -15.90 -12.01 -5.37
C LEU D 25 -14.71 -12.15 -6.30
N SER D 26 -14.77 -11.80 -7.56
CA SER D 26 -13.60 -11.96 -8.38
C SER D 26 -13.42 -10.73 -9.23
N TYR D 27 -12.16 -10.55 -9.60
CA TYR D 27 -11.75 -9.45 -10.44
C TYR D 27 -11.02 -9.98 -11.67
N THR D 28 -11.41 -9.62 -12.91
CA THR D 28 -10.69 -10.00 -14.12
C THR D 28 -10.36 -8.72 -14.89
N GLU D 29 -9.15 -8.57 -15.37
CA GLU D 29 -8.68 -7.39 -16.09
C GLU D 29 -8.04 -7.87 -17.38
N SER D 30 -8.52 -7.37 -18.52
CA SER D 30 -8.00 -7.75 -19.83
C SER D 30 -7.33 -6.57 -20.52
N MET D 31 -6.23 -6.85 -21.17
CA MET D 31 -5.41 -5.91 -21.92
C MET D 31 -5.48 -6.47 -23.34
N ALA D 32 -6.28 -7.50 -23.62
CA ALA D 32 -6.39 -8.06 -24.95
C ALA D 32 -7.10 -7.04 -25.85
N GLY D 33 -6.55 -6.81 -27.06
CA GLY D 33 -7.07 -5.83 -28.05
C GLY D 33 -8.56 -5.95 -28.31
N LYS D 34 -9.21 -4.80 -28.22
CA LYS D 34 -10.66 -4.67 -28.32
C LYS D 34 -11.39 -5.16 -27.10
N ARG D 35 -10.68 -5.64 -26.10
CA ARG D 35 -11.30 -6.10 -24.91
C ARG D 35 -10.56 -5.61 -23.70
N GLU D 36 -10.19 -4.34 -23.72
CA GLU D 36 -9.52 -3.69 -22.60
C GLU D 36 -10.62 -3.31 -21.61
N MET D 37 -11.01 -4.24 -20.73
CA MET D 37 -12.10 -4.11 -19.80
C MET D 37 -11.76 -4.76 -18.46
N VAL D 38 -12.65 -4.56 -17.50
CA VAL D 38 -12.54 -5.19 -16.20
C VAL D 38 -13.91 -5.87 -16.03
N ILE D 39 -13.97 -7.10 -15.53
CA ILE D 39 -15.22 -7.80 -15.22
C ILE D 39 -15.17 -8.11 -13.72
N ILE D 40 -16.20 -7.81 -12.94
CA ILE D 40 -16.24 -8.20 -11.56
C ILE D 40 -17.48 -9.12 -11.36
N THR D 41 -17.45 -10.07 -10.41
CA THR D 41 -18.62 -10.89 -10.11
C THR D 41 -18.89 -10.83 -8.63
N PHE D 42 -20.10 -11.15 -8.24
CA PHE D 42 -20.44 -11.21 -6.85
C PHE D 42 -20.85 -12.63 -6.50
N LYS D 43 -20.87 -12.91 -5.18
CA LYS D 43 -21.34 -14.17 -4.62
C LYS D 43 -22.77 -14.43 -5.10
N SER D 44 -23.57 -13.38 -5.33
CA SER D 44 -24.91 -13.43 -5.86
C SER D 44 -25.00 -14.07 -7.24
N GLY D 45 -23.83 -14.19 -7.91
CA GLY D 45 -23.70 -14.69 -9.26
C GLY D 45 -23.85 -13.55 -10.25
N GLU D 46 -23.84 -12.30 -9.79
CA GLU D 46 -24.03 -11.16 -10.69
C GLU D 46 -22.73 -10.67 -11.24
N THR D 47 -22.70 -10.49 -12.55
CA THR D 47 -21.53 -10.08 -13.31
C THR D 47 -21.71 -8.70 -13.92
N PHE D 48 -20.67 -7.86 -13.85
CA PHE D 48 -20.74 -6.51 -14.36
C PHE D 48 -19.42 -6.21 -15.03
N GLN D 49 -19.40 -5.27 -15.97
CA GLN D 49 -18.19 -4.89 -16.67
C GLN D 49 -18.12 -3.39 -16.68
N VAL D 50 -16.91 -2.92 -16.98
CA VAL D 50 -16.59 -1.50 -17.20
C VAL D 50 -16.31 -1.65 -18.68
N GLU D 51 -17.02 -0.87 -19.47
CA GLU D 51 -16.95 -1.11 -20.88
C GLU D 51 -15.67 -0.59 -21.51
N VAL D 52 -15.28 -1.27 -22.58
CA VAL D 52 -14.12 -0.91 -23.37
C VAL D 52 -14.17 0.58 -23.77
N PRO D 53 -13.08 1.35 -23.74
CA PRO D 53 -12.98 2.69 -24.31
C PRO D 53 -13.11 2.63 -25.84
N GLY D 54 -13.84 3.64 -26.31
CA GLY D 54 -14.19 3.73 -27.71
C GLY D 54 -14.54 5.16 -28.07
N SER D 55 -14.66 5.42 -29.37
CA SER D 55 -14.84 6.74 -29.97
C SER D 55 -16.11 7.46 -29.59
N GLN D 56 -17.06 6.66 -29.08
CA GLN D 56 -18.30 7.19 -28.57
C GLN D 56 -18.07 7.86 -27.22
N HIS D 57 -16.93 7.59 -26.62
CA HIS D 57 -16.68 8.13 -25.32
C HIS D 57 -15.83 9.35 -25.58
N ILE D 58 -16.41 10.38 -25.00
CA ILE D 58 -15.83 11.73 -24.89
C ILE D 58 -14.66 11.67 -23.94
N ASP D 59 -13.68 12.55 -24.05
CA ASP D 59 -12.53 12.45 -23.17
C ASP D 59 -12.86 12.52 -21.66
N SER D 60 -13.96 13.19 -21.26
CA SER D 60 -14.32 13.21 -19.84
C SER D 60 -14.66 11.78 -19.43
N GLN D 61 -15.41 11.09 -20.30
CA GLN D 61 -15.76 9.74 -20.00
C GLN D 61 -14.56 8.82 -20.08
N LYS D 62 -13.59 9.10 -20.94
CA LYS D 62 -12.40 8.29 -21.01
C LYS D 62 -11.64 8.39 -19.71
N LYS D 63 -11.45 9.57 -19.15
CA LYS D 63 -10.80 9.65 -17.87
C LYS D 63 -11.64 9.00 -16.78
N ALA D 64 -12.96 9.07 -16.83
CA ALA D 64 -13.77 8.47 -15.80
C ALA D 64 -13.79 6.96 -15.92
N ILE D 65 -13.63 6.35 -17.12
CA ILE D 65 -13.59 4.90 -17.26
C ILE D 65 -12.33 4.33 -16.62
N GLU D 66 -11.22 5.06 -16.76
CA GLU D 66 -9.97 4.65 -16.15
C GLU D 66 -10.03 4.82 -14.64
N ARG D 67 -10.63 5.88 -14.12
CA ARG D 67 -10.87 5.99 -12.70
C ARG D 67 -11.71 4.81 -12.16
N MET D 68 -12.82 4.41 -12.80
CA MET D 68 -13.63 3.31 -12.35
C MET D 68 -12.83 2.03 -12.29
N LYS D 69 -11.98 1.70 -13.26
CA LYS D 69 -11.20 0.48 -13.18
C LYS D 69 -10.20 0.55 -12.01
N ASP D 70 -9.62 1.71 -11.75
CA ASP D 70 -8.81 1.88 -10.58
C ASP D 70 -9.64 1.63 -9.32
N THR D 71 -10.84 2.16 -9.24
CA THR D 71 -11.66 1.97 -8.08
C THR D 71 -12.00 0.50 -7.92
N LEU D 72 -12.29 -0.26 -8.95
CA LEU D 72 -12.69 -1.63 -8.73
C LEU D 72 -11.54 -2.50 -8.29
N ARG D 73 -10.30 -2.24 -8.78
CA ARG D 73 -9.14 -3.00 -8.30
C ARG D 73 -8.81 -2.81 -6.80
N ILE D 74 -8.71 -1.56 -6.32
CA ILE D 74 -8.44 -1.35 -4.93
C ILE D 74 -9.67 -1.71 -4.04
N THR D 75 -10.94 -1.64 -4.50
CA THR D 75 -12.09 -2.19 -3.76
C THR D 75 -11.94 -3.69 -3.59
N TYR D 76 -11.59 -4.43 -4.64
CA TYR D 76 -11.40 -5.86 -4.54
C TYR D 76 -10.25 -6.12 -3.56
N LEU D 77 -9.07 -5.48 -3.70
CA LEU D 77 -7.97 -5.80 -2.84
C LEU D 77 -8.23 -5.42 -1.40
N THR D 78 -8.98 -4.37 -1.12
CA THR D 78 -9.22 -4.02 0.26
C THR D 78 -10.45 -4.75 0.83
N GLU D 79 -11.11 -5.59 0.04
CA GLU D 79 -12.30 -6.35 0.40
C GLU D 79 -13.38 -5.42 0.90
N THR D 80 -13.45 -4.22 0.31
CA THR D 80 -14.49 -3.28 0.66
C THR D 80 -15.85 -3.62 0.07
N LYS D 81 -16.87 -3.53 0.94
CA LYS D 81 -18.25 -3.73 0.58
C LYS D 81 -18.75 -2.63 -0.35
N ILE D 82 -19.47 -3.02 -1.39
CA ILE D 82 -20.12 -2.11 -2.31
C ILE D 82 -21.57 -2.06 -1.90
N ASP D 83 -22.21 -0.90 -1.87
CA ASP D 83 -23.61 -0.83 -1.53
C ASP D 83 -24.52 -1.01 -2.76
N LYS D 84 -24.51 -0.05 -3.68
CA LYS D 84 -25.31 -0.12 -4.90
C LYS D 84 -24.45 0.12 -6.12
N LEU D 85 -24.92 -0.39 -7.24
CA LEU D 85 -24.37 -0.15 -8.54
C LEU D 85 -25.47 0.42 -9.46
N CYS D 86 -25.21 1.51 -10.19
CA CYS D 86 -26.10 1.99 -11.25
C CYS D 86 -25.53 1.42 -12.56
N VAL D 87 -26.27 0.65 -13.36
CA VAL D 87 -25.72 0.04 -14.55
C VAL D 87 -26.56 0.29 -15.79
N TRP D 88 -25.94 0.23 -16.95
CA TRP D 88 -26.62 0.24 -18.22
C TRP D 88 -26.99 -1.22 -18.41
N ASN D 89 -28.29 -1.48 -18.24
CA ASN D 89 -28.83 -2.83 -18.33
C ASN D 89 -29.00 -3.28 -19.76
N ASN D 90 -28.63 -2.44 -20.72
CA ASN D 90 -28.78 -2.80 -22.10
C ASN D 90 -27.55 -3.55 -22.65
N LYS D 91 -26.57 -3.99 -21.84
CA LYS D 91 -25.42 -4.69 -22.39
C LYS D 91 -25.27 -5.95 -21.59
N THR D 92 -24.45 -6.85 -22.13
CA THR D 92 -24.13 -8.08 -21.43
C THR D 92 -22.61 -8.21 -21.36
N PRO D 93 -22.02 -8.27 -20.16
CA PRO D 93 -22.74 -8.01 -18.92
C PRO D 93 -23.12 -6.54 -18.76
N ASN D 94 -24.04 -6.25 -17.87
CA ASN D 94 -24.49 -4.89 -17.60
C ASN D 94 -23.27 -4.04 -17.31
N SER D 95 -23.25 -2.80 -17.81
CA SER D 95 -22.11 -1.91 -17.65
C SER D 95 -22.28 -0.98 -16.50
N ILE D 96 -21.19 -0.76 -15.77
CA ILE D 96 -21.27 0.09 -14.62
C ILE D 96 -21.36 1.54 -15.07
N ALA D 97 -22.33 2.30 -14.56
CA ALA D 97 -22.37 3.73 -14.76
C ALA D 97 -21.90 4.41 -13.49
N ALA D 98 -22.20 3.82 -12.33
CA ALA D 98 -21.82 4.41 -11.07
C ALA D 98 -21.77 3.37 -9.95
N ILE D 99 -21.03 3.63 -8.88
CA ILE D 99 -20.86 2.77 -7.74
C ILE D 99 -21.04 3.57 -6.42
N SER D 100 -21.67 3.03 -5.37
CA SER D 100 -21.64 3.70 -4.09
C SER D 100 -21.14 2.72 -3.01
N MET D 101 -20.54 3.23 -1.94
CA MET D 101 -19.97 2.41 -0.91
C MET D 101 -20.37 3.12 0.36
N LYS D 102 -20.77 2.35 1.35
CA LYS D 102 -21.16 2.91 2.62
C LYS D 102 -20.47 2.24 3.79
N ASN D 103 -19.98 3.24 4.53
CA ASN D 103 -19.46 3.33 5.90
C ASN D 103 -18.03 3.58 6.37
N ALA E 1 2.06 32.64 -0.04
CA ALA E 1 0.79 31.92 -0.23
C ALA E 1 -0.05 31.91 1.08
N PRO E 2 -1.33 31.51 1.19
CA PRO E 2 -2.00 31.29 2.48
C PRO E 2 -1.31 30.13 3.19
N GLN E 3 -1.42 30.06 4.51
CA GLN E 3 -0.72 29.04 5.24
C GLN E 3 -1.61 27.99 5.90
N THR E 4 -2.92 28.13 5.91
CA THR E 4 -3.79 27.14 6.51
C THR E 4 -5.00 27.02 5.62
N ILE E 5 -5.89 26.04 5.77
CA ILE E 5 -7.09 25.96 4.95
C ILE E 5 -8.05 27.14 5.22
N THR E 6 -8.04 27.77 6.40
CA THR E 6 -8.97 28.83 6.72
C THR E 6 -8.53 30.11 6.07
N GLU E 7 -7.22 30.33 6.06
CA GLU E 7 -6.70 31.46 5.30
C GLU E 7 -6.99 31.31 3.82
N LEU E 8 -6.70 30.16 3.20
CA LEU E 8 -6.95 29.95 1.80
C LEU E 8 -8.42 30.05 1.52
N CYS E 9 -9.36 29.49 2.30
CA CYS E 9 -10.79 29.55 2.03
C CYS E 9 -11.29 31.00 1.93
N SER E 10 -10.76 31.82 2.83
CA SER E 10 -11.00 33.24 2.84
C SER E 10 -10.59 33.98 1.60
N GLU E 11 -9.73 33.53 0.69
CA GLU E 11 -9.48 34.30 -0.51
C GLU E 11 -10.57 34.12 -1.55
N TYR E 12 -11.51 33.22 -1.35
CA TYR E 12 -12.47 32.97 -2.38
C TYR E 12 -13.82 33.50 -1.99
N ARG E 13 -14.55 33.83 -3.04
CA ARG E 13 -15.91 34.27 -2.89
C ARG E 13 -16.78 33.02 -2.86
N ASN E 14 -17.84 33.06 -2.06
CA ASN E 14 -18.84 32.01 -2.00
C ASN E 14 -18.34 30.70 -1.41
N THR E 15 -17.51 30.82 -0.37
CA THR E 15 -16.91 29.70 0.35
C THR E 15 -17.22 29.75 1.86
N GLN E 16 -17.12 28.60 2.55
CA GLN E 16 -17.27 28.50 4.01
C GLN E 16 -16.47 27.29 4.47
N ILE E 17 -16.06 27.26 5.73
CA ILE E 17 -15.39 26.11 6.28
C ILE E 17 -16.44 25.23 6.98
N TYR E 18 -16.34 23.91 6.73
CA TYR E 18 -17.03 22.90 7.50
C TYR E 18 -16.01 22.17 8.37
N THR E 19 -16.09 22.22 9.69
CA THR E 19 -15.25 21.40 10.56
C THR E 19 -15.91 20.01 10.57
N ILE E 20 -15.20 19.01 10.08
CA ILE E 20 -15.78 17.72 9.97
C ILE E 20 -15.30 16.91 11.14
N ASN E 21 -13.98 16.74 11.23
CA ASN E 21 -13.34 15.93 12.25
C ASN E 21 -13.90 14.52 12.28
N ASP E 22 -14.01 13.85 11.15
CA ASP E 22 -14.66 12.55 11.15
C ASP E 22 -14.26 11.94 9.83
N LYS E 23 -14.43 10.63 9.71
CA LYS E 23 -14.25 9.93 8.46
C LYS E 23 -15.49 10.06 7.55
N ILE E 24 -15.32 9.78 6.25
CA ILE E 24 -16.37 9.84 5.24
C ILE E 24 -17.32 8.70 5.50
N LEU E 25 -18.62 8.97 5.49
CA LEU E 25 -19.64 7.96 5.66
C LEU E 25 -19.94 7.29 4.36
N SER E 26 -20.14 7.98 3.23
CA SER E 26 -20.34 7.18 2.02
C SER E 26 -19.59 7.78 0.86
N TYR E 27 -19.30 7.01 -0.16
CA TYR E 27 -18.55 7.47 -1.32
C TYR E 27 -19.27 7.01 -2.58
N THR E 28 -19.59 7.91 -3.50
CA THR E 28 -20.26 7.56 -4.74
C THR E 28 -19.39 8.11 -5.85
N GLU E 29 -19.12 7.30 -6.87
CA GLU E 29 -18.31 7.73 -7.97
C GLU E 29 -19.12 7.48 -9.24
N SER E 30 -19.33 8.43 -10.14
CA SER E 30 -20.10 8.19 -11.34
C SER E 30 -19.18 8.31 -12.55
N MET E 31 -19.26 7.40 -13.53
CA MET E 31 -18.63 7.66 -14.81
C MET E 31 -19.72 7.89 -15.91
N ALA E 32 -20.98 8.20 -15.54
CA ALA E 32 -22.08 8.37 -16.50
C ALA E 32 -21.85 9.73 -17.17
N GLY E 33 -22.05 9.74 -18.51
CA GLY E 33 -21.74 10.91 -19.33
C GLY E 33 -22.33 12.22 -18.84
N LYS E 34 -21.48 13.22 -18.80
CA LYS E 34 -21.79 14.56 -18.34
C LYS E 34 -21.93 14.67 -16.84
N ARG E 35 -21.84 13.56 -16.09
CA ARG E 35 -21.89 13.63 -14.63
C ARG E 35 -20.80 12.77 -14.01
N GLU E 36 -19.59 12.93 -14.52
CA GLU E 36 -18.42 12.19 -14.07
C GLU E 36 -17.92 12.93 -12.83
N MET E 37 -18.48 12.56 -11.67
CA MET E 37 -18.24 13.25 -10.41
C MET E 37 -18.09 12.28 -9.22
N VAL E 38 -17.68 12.81 -8.08
CA VAL E 38 -17.63 12.03 -6.87
C VAL E 38 -18.51 12.75 -5.88
N ILE E 39 -19.28 12.02 -5.09
CA ILE E 39 -20.14 12.62 -4.08
C ILE E 39 -19.75 11.97 -2.74
N ILE E 40 -19.47 12.73 -1.69
CA ILE E 40 -19.22 12.14 -0.39
C ILE E 40 -20.22 12.61 0.69
N THR E 41 -20.60 11.72 1.62
CA THR E 41 -21.46 12.17 2.72
C THR E 41 -20.83 11.87 4.08
N PHE E 42 -21.21 12.60 5.11
CA PHE E 42 -20.77 12.44 6.48
C PHE E 42 -21.99 12.21 7.37
N LYS E 43 -21.70 11.67 8.56
CA LYS E 43 -22.69 11.31 9.59
C LYS E 43 -23.46 12.54 10.10
N SER E 44 -22.75 13.67 10.12
CA SER E 44 -23.32 14.96 10.44
C SER E 44 -24.45 15.38 9.48
N GLY E 45 -24.69 14.67 8.37
CA GLY E 45 -25.77 14.99 7.45
C GLY E 45 -25.36 15.76 6.20
N GLU E 46 -24.15 16.27 6.02
CA GLU E 46 -23.78 17.05 4.83
C GLU E 46 -23.35 16.19 3.64
N THR E 47 -23.61 16.62 2.41
CA THR E 47 -23.19 15.96 1.18
C THR E 47 -22.32 16.99 0.49
N PHE E 48 -21.27 16.51 -0.15
CA PHE E 48 -20.37 17.35 -0.89
C PHE E 48 -20.02 16.66 -2.20
N GLN E 49 -19.70 17.45 -3.23
CA GLN E 49 -19.27 16.89 -4.51
C GLN E 49 -17.91 17.47 -4.90
N VAL E 50 -17.31 16.73 -5.83
CA VAL E 50 -16.18 17.22 -6.56
C VAL E 50 -16.88 17.39 -7.90
N GLU E 51 -16.93 18.63 -8.34
CA GLU E 51 -17.55 19.04 -9.59
C GLU E 51 -17.06 18.32 -10.86
N VAL E 52 -17.95 18.14 -11.87
CA VAL E 52 -17.55 17.65 -13.19
C VAL E 52 -16.68 18.76 -13.79
N PRO E 53 -15.52 18.50 -14.39
CA PRO E 53 -14.70 19.54 -14.98
C PRO E 53 -15.47 20.14 -16.17
N GLY E 54 -15.17 21.40 -16.42
CA GLY E 54 -15.95 22.14 -17.37
C GLY E 54 -15.14 23.39 -17.59
N SER E 55 -15.85 24.50 -17.83
CA SER E 55 -15.19 25.75 -18.11
C SER E 55 -15.47 26.83 -17.05
N GLN E 56 -15.29 26.36 -15.84
CA GLN E 56 -15.19 27.16 -14.62
C GLN E 56 -13.78 26.72 -14.20
N HIS E 57 -13.00 25.98 -15.04
CA HIS E 57 -11.77 25.34 -14.61
C HIS E 57 -10.68 25.53 -15.64
N ILE E 58 -9.65 26.12 -15.05
CA ILE E 58 -8.38 26.30 -15.70
C ILE E 58 -7.70 24.93 -15.79
N ASP E 59 -6.76 24.75 -16.70
CA ASP E 59 -6.10 23.46 -16.94
C ASP E 59 -5.33 22.91 -15.75
N SER E 60 -4.95 23.87 -14.90
CA SER E 60 -4.26 23.61 -13.64
C SER E 60 -5.23 22.95 -12.62
N GLN E 61 -6.51 23.40 -12.64
CA GLN E 61 -7.53 22.85 -11.79
C GLN E 61 -7.96 21.49 -12.25
N LYS E 62 -7.82 21.17 -13.52
CA LYS E 62 -8.17 19.85 -14.02
C LYS E 62 -7.30 18.75 -13.44
N LYS E 63 -5.96 18.95 -13.32
CA LYS E 63 -5.06 17.99 -12.63
C LYS E 63 -5.46 17.93 -11.17
N ALA E 64 -5.70 19.09 -10.53
CA ALA E 64 -6.09 19.17 -9.14
C ALA E 64 -7.41 18.49 -8.84
N ILE E 65 -8.41 18.55 -9.71
CA ILE E 65 -9.71 17.89 -9.54
C ILE E 65 -9.45 16.41 -9.54
N GLU E 66 -8.62 15.90 -10.43
CA GLU E 66 -8.37 14.47 -10.47
C GLU E 66 -7.65 14.06 -9.24
N ARG E 67 -6.71 14.84 -8.75
CA ARG E 67 -6.00 14.53 -7.52
C ARG E 67 -6.95 14.46 -6.31
N MET E 68 -7.87 15.39 -6.15
CA MET E 68 -8.85 15.41 -5.05
C MET E 68 -9.72 14.16 -5.07
N LYS E 69 -10.19 13.69 -6.24
CA LYS E 69 -10.94 12.47 -6.31
C LYS E 69 -10.05 11.31 -5.90
N ASP E 70 -8.76 11.26 -6.28
CA ASP E 70 -7.83 10.27 -5.76
C ASP E 70 -7.73 10.33 -4.23
N THR E 71 -7.46 11.49 -3.63
CA THR E 71 -7.43 11.64 -2.19
C THR E 71 -8.73 11.20 -1.51
N LEU E 72 -9.91 11.49 -2.04
CA LEU E 72 -11.14 11.15 -1.36
C LEU E 72 -11.38 9.67 -1.45
N ARG E 73 -10.98 8.98 -2.50
CA ARG E 73 -11.15 7.55 -2.56
C ARG E 73 -10.26 6.88 -1.52
N ILE E 74 -9.00 7.28 -1.39
CA ILE E 74 -8.10 6.69 -0.37
C ILE E 74 -8.61 7.00 1.04
N THR E 75 -9.05 8.22 1.35
CA THR E 75 -9.47 8.53 2.72
C THR E 75 -10.71 7.76 3.06
N TYR E 76 -11.60 7.56 2.09
CA TYR E 76 -12.78 6.76 2.33
C TYR E 76 -12.37 5.31 2.59
N LEU E 77 -11.56 4.68 1.70
CA LEU E 77 -11.23 3.27 1.85
C LEU E 77 -10.49 3.01 3.15
N THR E 78 -9.77 3.98 3.66
CA THR E 78 -8.95 3.76 4.80
C THR E 78 -9.53 4.37 6.04
N GLU E 79 -10.77 4.83 6.02
CA GLU E 79 -11.39 5.50 7.16
C GLU E 79 -10.52 6.56 7.79
N THR E 80 -9.80 7.30 6.96
CA THR E 80 -8.95 8.39 7.47
C THR E 80 -9.81 9.61 7.86
N LYS E 81 -9.48 10.28 8.96
CA LYS E 81 -10.30 11.37 9.43
C LYS E 81 -9.97 12.63 8.75
N ILE E 82 -11.03 13.23 8.24
CA ILE E 82 -10.91 14.56 7.67
C ILE E 82 -11.09 15.63 8.76
N ASP E 83 -10.30 16.67 8.77
CA ASP E 83 -10.43 17.73 9.72
C ASP E 83 -11.40 18.81 9.24
N LYS E 84 -11.11 19.61 8.23
CA LYS E 84 -11.95 20.71 7.74
C LYS E 84 -12.10 20.63 6.24
N LEU E 85 -13.20 21.18 5.71
CA LEU E 85 -13.45 21.26 4.27
C LEU E 85 -13.69 22.72 3.93
N CYS E 86 -13.09 23.21 2.87
CA CYS E 86 -13.43 24.54 2.38
C CYS E 86 -14.30 24.18 1.16
N VAL E 87 -15.51 24.72 1.08
CA VAL E 87 -16.38 24.45 -0.03
C VAL E 87 -16.99 25.74 -0.60
N TRP E 88 -17.37 25.75 -1.88
CA TRP E 88 -18.12 26.82 -2.51
C TRP E 88 -19.57 26.51 -2.22
N ASN E 89 -20.26 27.38 -1.52
CA ASN E 89 -21.59 26.99 -1.10
C ASN E 89 -22.68 27.49 -2.02
N ASN E 90 -22.29 28.00 -3.18
CA ASN E 90 -23.26 28.32 -4.19
C ASN E 90 -23.46 27.17 -5.19
N LYS E 91 -23.33 25.89 -4.81
CA LYS E 91 -23.53 24.75 -5.72
C LYS E 91 -24.37 23.80 -4.90
N THR E 92 -25.09 22.89 -5.50
CA THR E 92 -25.92 21.95 -4.80
C THR E 92 -25.53 20.60 -5.37
N PRO E 93 -24.86 19.65 -4.68
CA PRO E 93 -24.32 19.84 -3.34
C PRO E 93 -23.16 20.81 -3.31
N ASN E 94 -22.81 21.35 -2.16
CA ASN E 94 -21.67 22.25 -2.06
C ASN E 94 -20.44 21.58 -2.64
N SER E 95 -19.60 22.36 -3.29
CA SER E 95 -18.49 21.78 -4.01
C SER E 95 -17.17 21.94 -3.27
N ILE E 96 -16.30 20.92 -3.26
CA ILE E 96 -15.07 20.99 -2.47
C ILE E 96 -14.00 21.85 -3.11
N ALA E 97 -13.48 22.83 -2.41
CA ALA E 97 -12.36 23.64 -2.81
C ALA E 97 -11.05 23.12 -2.18
N ALA E 98 -11.01 22.70 -0.89
CA ALA E 98 -9.78 22.25 -0.24
C ALA E 98 -10.14 21.33 0.92
N ILE E 99 -9.18 20.52 1.38
CA ILE E 99 -9.42 19.54 2.41
C ILE E 99 -8.22 19.58 3.34
N SER E 100 -8.35 19.37 4.64
CA SER E 100 -7.21 19.23 5.52
C SER E 100 -7.39 18.02 6.43
N MET E 101 -6.29 17.41 6.83
CA MET E 101 -6.26 16.23 7.66
C MET E 101 -5.15 16.51 8.66
N LYS E 102 -5.37 16.16 9.90
CA LYS E 102 -4.51 16.50 11.00
C LYS E 102 -4.29 15.17 11.66
N ASN E 103 -3.05 15.03 12.08
CA ASN E 103 -2.62 13.83 12.75
C ASN E 103 -2.60 14.06 14.25
N ARG F 1 -8.23 -20.06 15.59
CA ARG F 1 -7.77 -18.79 16.13
C ARG F 1 -7.10 -18.98 17.46
N LEU F 2 -6.37 -18.03 17.99
CA LEU F 2 -5.71 -18.10 19.28
C LEU F 2 -6.40 -17.04 20.15
N TYR F 3 -6.25 -17.11 21.47
CA TYR F 3 -7.00 -16.25 22.38
C TYR F 3 -6.09 -15.70 23.41
N ARG F 4 -6.18 -14.45 23.82
CA ARG F 4 -5.32 -13.99 24.87
C ARG F 4 -6.15 -13.04 25.74
N ALA F 5 -6.20 -13.22 27.06
CA ALA F 5 -6.83 -12.26 27.98
C ALA F 5 -5.82 -11.15 28.33
N ASP F 6 -6.28 -9.92 28.36
CA ASP F 6 -5.41 -8.80 28.59
C ASP F 6 -6.27 -7.62 29.09
N SER F 7 -5.73 -6.82 30.02
CA SER F 7 -6.39 -5.64 30.55
C SER F 7 -6.25 -4.40 29.68
N ARG F 8 -5.34 -4.39 28.71
CA ARG F 8 -5.13 -3.26 27.79
C ARG F 8 -6.35 -3.21 26.88
N PRO F 9 -7.08 -2.10 26.81
CA PRO F 9 -8.31 -1.98 26.06
C PRO F 9 -8.09 -1.81 24.57
N PRO F 10 -9.10 -2.06 23.73
CA PRO F 10 -9.01 -2.04 22.28
C PRO F 10 -8.39 -0.79 21.71
N ASP F 11 -8.76 0.35 22.27
CA ASP F 11 -8.20 1.62 21.86
C ASP F 11 -6.74 1.71 22.25
N GLU F 12 -6.28 1.13 23.37
CA GLU F 12 -4.88 1.19 23.68
C GLU F 12 -4.13 0.32 22.67
N ILE F 13 -4.72 -0.82 22.30
CA ILE F 13 -4.16 -1.78 21.34
C ILE F 13 -4.10 -1.13 19.96
N LYS F 14 -5.07 -0.35 19.51
CA LYS F 14 -5.03 0.31 18.21
C LYS F 14 -3.95 1.37 18.16
N ARG F 15 -3.92 2.22 19.13
CA ARG F 15 -2.89 3.22 19.25
C ARG F 15 -1.52 2.56 19.27
N SER F 16 -1.21 1.43 19.93
CA SER F 16 0.13 0.86 19.89
C SER F 16 0.43 0.01 18.64
N GLY F 17 -0.53 -0.19 17.75
CA GLY F 17 -0.29 -1.05 16.61
C GLY F 17 -0.43 -2.51 16.96
N GLY F 18 -0.93 -2.87 18.14
CA GLY F 18 -1.17 -4.26 18.48
C GLY F 18 -0.91 -4.62 19.94
N LEU F 19 -0.86 -5.92 20.22
CA LEU F 19 -0.57 -6.45 21.55
C LEU F 19 0.94 -6.57 21.62
N MET F 20 1.53 -5.67 22.40
CA MET F 20 2.94 -5.50 22.52
C MET F 20 3.55 -6.32 23.65
N PRO F 21 4.81 -6.80 23.43
CA PRO F 21 5.61 -7.39 24.49
C PRO F 21 5.89 -6.30 25.53
N ARG F 22 6.29 -6.72 26.72
CA ARG F 22 6.58 -5.82 27.81
C ARG F 22 7.68 -4.85 27.38
N GLY F 23 7.37 -3.57 27.57
CA GLY F 23 8.32 -2.51 27.33
C GLY F 23 8.31 -1.99 25.90
N HIS F 24 7.80 -2.75 24.95
CA HIS F 24 7.84 -2.32 23.57
C HIS F 24 6.65 -1.41 23.36
N ASN F 25 6.97 -0.17 23.04
CA ASN F 25 6.01 0.91 22.86
C ASN F 25 4.91 0.81 21.80
N GLU F 26 5.28 0.55 20.56
CA GLU F 26 4.33 0.45 19.47
C GLU F 26 4.96 -0.54 18.53
N TYR F 27 4.20 -1.12 17.63
CA TYR F 27 4.72 -2.25 16.88
C TYR F 27 5.96 -2.06 16.01
N PHE F 28 6.11 -0.95 15.30
CA PHE F 28 7.23 -0.82 14.37
C PHE F 28 8.44 -0.10 14.89
N ASP F 29 8.35 0.13 16.20
CA ASP F 29 9.38 0.84 16.93
C ASP F 29 10.70 0.02 16.99
N ARG F 30 11.67 0.57 16.25
CA ARG F 30 13.03 0.04 16.19
C ARG F 30 13.93 0.76 17.21
N GLY F 31 13.37 1.68 18.02
CA GLY F 31 14.14 2.53 18.92
C GLY F 31 14.54 1.93 20.27
N THR F 32 14.64 0.60 20.39
CA THR F 32 15.00 -0.09 21.63
C THR F 32 15.50 -1.47 21.18
N GLN F 33 16.68 -1.91 21.61
CA GLN F 33 17.09 -3.30 21.38
C GLN F 33 16.44 -4.12 22.52
N MET F 34 15.25 -4.59 22.12
CA MET F 34 14.34 -5.40 22.92
C MET F 34 14.96 -6.78 23.12
N ASN F 35 15.15 -7.38 24.30
CA ASN F 35 15.66 -8.74 24.30
C ASN F 35 14.61 -9.70 23.78
N ILE F 36 14.90 -10.61 22.85
CA ILE F 36 13.91 -11.54 22.34
C ILE F 36 14.53 -12.91 22.56
N ASN F 37 13.85 -13.73 23.39
CA ASN F 37 14.30 -15.07 23.78
C ASN F 37 13.12 -15.96 24.14
N LEU F 38 12.83 -17.00 23.36
CA LEU F 38 11.68 -17.83 23.64
C LEU F 38 11.81 -18.55 24.99
N TYR F 39 12.95 -19.17 25.31
CA TYR F 39 13.15 -19.89 26.55
C TYR F 39 12.90 -18.98 27.73
N ASP F 40 13.55 -17.83 27.72
CA ASP F 40 13.33 -16.79 28.72
C ASP F 40 11.87 -16.35 28.84
N HIS F 41 11.15 -16.20 27.71
CA HIS F 41 9.78 -15.74 27.74
C HIS F 41 8.92 -16.79 28.39
N ALA F 42 9.14 -18.03 28.01
CA ALA F 42 8.32 -19.14 28.44
C ALA F 42 8.46 -19.41 29.96
N ARG F 43 9.60 -19.05 30.57
CA ARG F 43 9.80 -19.21 31.99
C ARG F 43 9.43 -17.99 32.82
N GLY F 44 9.11 -16.85 32.22
CA GLY F 44 8.79 -15.65 32.98
C GLY F 44 7.36 -15.60 33.52
N THR F 45 7.08 -14.70 34.46
CA THR F 45 5.72 -14.49 34.97
C THR F 45 5.58 -13.01 35.22
N GLN F 46 4.47 -12.37 34.87
CA GLN F 46 4.34 -10.96 35.15
C GLN F 46 2.99 -10.88 35.83
N THR F 47 2.99 -10.08 36.87
CA THR F 47 1.80 -9.91 37.66
C THR F 47 0.87 -9.03 36.86
N GLY F 48 -0.36 -9.53 36.77
CA GLY F 48 -1.39 -8.79 36.06
C GLY F 48 -1.28 -8.94 34.55
N PHE F 49 -0.46 -9.86 34.05
CA PHE F 49 -0.30 -10.05 32.62
C PHE F 49 -0.04 -11.49 32.34
N VAL F 50 -0.77 -12.01 31.36
CA VAL F 50 -0.43 -13.30 30.78
C VAL F 50 0.93 -13.03 30.10
N ARG F 51 1.81 -14.05 30.16
CA ARG F 51 3.22 -13.96 29.80
C ARG F 51 3.42 -13.09 28.56
N TYR F 52 4.19 -12.03 28.62
CA TYR F 52 4.43 -11.17 27.48
C TYR F 52 5.81 -10.55 27.56
N ASP F 53 6.75 -11.07 28.36
CA ASP F 53 8.08 -10.49 28.37
C ASP F 53 9.04 -11.29 27.49
N ASP F 54 10.29 -10.80 27.38
CA ASP F 54 11.39 -11.28 26.52
C ASP F 54 11.02 -11.46 25.04
N GLY F 55 10.35 -10.40 24.56
CA GLY F 55 10.00 -10.21 23.16
C GLY F 55 8.91 -11.05 22.56
N TYR F 56 8.10 -11.72 23.37
CA TYR F 56 7.03 -12.54 22.85
C TYR F 56 5.73 -12.27 23.61
N VAL F 57 4.56 -12.53 23.01
CA VAL F 57 3.25 -12.33 23.67
C VAL F 57 2.54 -13.66 23.62
N SER F 58 2.20 -14.22 24.78
CA SER F 58 1.64 -15.57 24.85
C SER F 58 0.14 -15.57 24.58
N THR F 59 -0.35 -16.64 23.96
CA THR F 59 -1.76 -16.82 23.63
C THR F 59 -2.14 -18.28 23.92
N SER F 60 -3.43 -18.59 23.89
CA SER F 60 -3.94 -19.92 24.15
C SER F 60 -4.69 -20.40 22.94
N LEU F 61 -4.70 -21.70 22.90
CA LEU F 61 -5.42 -22.43 21.90
C LEU F 61 -6.93 -22.43 22.04
N SER F 62 -7.61 -21.90 23.05
CA SER F 62 -9.08 -21.98 23.11
C SER F 62 -9.61 -20.83 23.97
N LEU F 63 -10.89 -20.48 23.84
CA LEU F 63 -11.43 -19.38 24.61
C LEU F 63 -11.47 -19.75 26.09
N ARG F 64 -11.76 -21.03 26.37
CA ARG F 64 -11.80 -21.46 27.75
C ARG F 64 -10.45 -21.38 28.40
N SER F 65 -9.37 -21.82 27.72
CA SER F 65 -8.04 -21.72 28.32
C SER F 65 -7.61 -20.29 28.56
N ALA F 66 -8.03 -19.41 27.63
CA ALA F 66 -7.67 -18.01 27.77
C ALA F 66 -8.40 -17.39 28.97
N HIS F 67 -9.67 -17.78 29.21
CA HIS F 67 -10.44 -17.25 30.33
C HIS F 67 -9.85 -17.80 31.63
N LEU F 68 -9.53 -19.10 31.71
CA LEU F 68 -8.95 -19.67 32.92
C LEU F 68 -7.73 -18.87 33.33
N ALA F 69 -6.76 -18.65 32.40
CA ALA F 69 -5.57 -17.86 32.71
C ALA F 69 -5.97 -16.45 33.08
N GLY F 70 -6.93 -15.88 32.35
CA GLY F 70 -7.44 -14.55 32.59
C GLY F 70 -7.95 -14.45 34.01
N GLN F 71 -8.73 -15.42 34.49
CA GLN F 71 -9.26 -15.36 35.83
C GLN F 71 -8.19 -15.67 36.89
N SER F 72 -7.12 -16.40 36.60
CA SER F 72 -6.02 -16.58 37.55
C SER F 72 -5.20 -15.29 37.68
N ILE F 73 -4.97 -14.56 36.60
CA ILE F 73 -4.07 -13.43 36.62
C ILE F 73 -4.71 -12.08 36.80
N LEU F 74 -5.92 -11.96 36.29
CA LEU F 74 -6.60 -10.68 36.29
C LEU F 74 -7.88 -10.80 37.14
N SER F 75 -7.86 -11.53 38.26
CA SER F 75 -9.11 -11.74 38.98
C SER F 75 -9.59 -10.47 39.70
N GLY F 76 -10.93 -10.44 39.75
CA GLY F 76 -11.64 -9.32 40.32
C GLY F 76 -11.67 -8.07 39.42
N TYR F 77 -10.92 -8.00 38.29
CA TYR F 77 -10.94 -6.88 37.34
C TYR F 77 -12.35 -6.60 36.91
N SER F 78 -12.82 -5.37 37.06
CA SER F 78 -14.18 -5.07 36.64
C SER F 78 -14.33 -5.35 35.15
N THR F 79 -13.23 -5.15 34.37
CA THR F 79 -13.24 -5.46 32.96
C THR F 79 -11.87 -5.85 32.42
N TYR F 80 -11.83 -6.84 31.56
CA TYR F 80 -10.62 -7.14 30.78
C TYR F 80 -11.11 -7.70 29.46
N TYR F 81 -10.29 -7.97 28.43
CA TYR F 81 -10.81 -8.43 27.15
C TYR F 81 -10.01 -9.66 26.79
N ILE F 82 -10.67 -10.54 26.07
CA ILE F 82 -10.00 -11.71 25.50
C ILE F 82 -9.89 -11.39 24.01
N TYR F 83 -8.69 -11.25 23.46
CA TYR F 83 -8.53 -10.99 22.03
C TYR F 83 -8.48 -12.29 21.25
N VAL F 84 -9.12 -12.30 20.09
CA VAL F 84 -9.18 -13.47 19.23
C VAL F 84 -8.18 -13.12 18.12
N ILE F 85 -7.18 -13.96 17.92
CA ILE F 85 -6.04 -13.68 17.05
C ILE F 85 -5.93 -14.72 15.96
N ALA F 86 -5.61 -14.30 14.74
CA ALA F 86 -5.45 -15.26 13.67
C ALA F 86 -4.07 -15.92 13.76
N THR F 87 -3.97 -17.16 13.33
CA THR F 87 -2.67 -17.80 13.23
C THR F 87 -1.85 -17.24 12.04
N ALA F 88 -0.54 -17.04 12.17
CA ALA F 88 0.32 -16.50 11.12
C ALA F 88 1.75 -17.00 11.44
N PRO F 89 2.76 -17.00 10.55
CA PRO F 89 4.12 -17.45 10.89
C PRO F 89 4.87 -16.62 11.93
N ASN F 90 4.35 -15.56 12.55
CA ASN F 90 5.07 -14.97 13.68
C ASN F 90 4.78 -15.74 15.01
N MET F 91 3.89 -16.74 14.99
CA MET F 91 3.50 -17.48 16.15
C MET F 91 4.25 -18.82 16.15
N PHE F 92 4.75 -19.16 17.35
CA PHE F 92 5.38 -20.46 17.61
C PHE F 92 4.68 -21.26 18.74
N ASN F 93 4.41 -22.53 18.52
CA ASN F 93 3.87 -23.41 19.54
C ASN F 93 5.00 -23.73 20.51
N VAL F 94 4.92 -23.24 21.73
CA VAL F 94 6.02 -23.36 22.70
C VAL F 94 6.41 -24.78 23.04
N ASN F 95 5.44 -25.67 23.26
CA ASN F 95 5.70 -27.05 23.57
C ASN F 95 6.47 -27.74 22.47
N ASP F 96 6.07 -27.43 21.24
CA ASP F 96 6.73 -28.04 20.10
C ASP F 96 8.17 -27.61 19.89
N VAL F 97 8.47 -26.36 20.20
CA VAL F 97 9.80 -25.83 19.98
C VAL F 97 10.71 -26.17 21.16
N LEU F 98 10.23 -26.01 22.40
CA LEU F 98 11.01 -26.31 23.59
C LEU F 98 11.03 -27.79 24.04
N GLY F 99 10.09 -28.58 23.50
CA GLY F 99 9.99 -30.00 23.78
C GLY F 99 9.83 -30.28 25.28
N VAL F 100 10.62 -31.29 25.69
CA VAL F 100 10.69 -31.74 27.09
C VAL F 100 11.22 -30.64 27.99
N TYR F 101 11.84 -29.57 27.46
CA TYR F 101 12.28 -28.47 28.30
C TYR F 101 11.21 -27.41 28.45
N SER F 102 10.02 -27.60 27.88
CA SER F 102 8.93 -26.65 28.04
C SER F 102 8.48 -26.55 29.53
N PRO F 103 8.56 -25.34 30.11
CA PRO F 103 8.36 -25.07 31.53
C PRO F 103 6.95 -25.20 32.09
N HIS F 104 5.94 -24.98 31.26
CA HIS F 104 4.56 -25.03 31.69
C HIS F 104 3.82 -25.77 30.59
N PRO F 105 4.09 -27.04 30.34
CA PRO F 105 3.59 -27.76 29.16
C PRO F 105 2.08 -27.92 29.04
N TYR F 106 1.51 -27.96 30.22
CA TYR F 106 0.09 -28.03 30.49
C TYR F 106 -0.60 -26.77 30.01
N GLU F 107 0.17 -25.67 29.95
CA GLU F 107 -0.36 -24.42 29.50
C GLU F 107 -0.67 -24.41 28.00
N GLN F 108 0.06 -25.19 27.17
CA GLN F 108 -0.17 -25.20 25.72
C GLN F 108 -0.20 -23.78 25.11
N GLU F 109 0.86 -23.02 25.30
CA GLU F 109 0.88 -21.65 24.82
C GLU F 109 1.42 -21.62 23.41
N VAL F 110 0.96 -20.62 22.67
CA VAL F 110 1.48 -20.31 21.35
C VAL F 110 1.90 -18.83 21.48
N SER F 111 3.18 -18.55 21.24
CA SER F 111 3.72 -17.23 21.47
C SER F 111 4.08 -16.50 20.18
N ALA F 112 3.75 -15.21 20.16
CA ALA F 112 3.98 -14.41 18.98
C ALA F 112 5.25 -13.58 19.15
N LEU F 113 6.19 -13.84 18.23
CA LEU F 113 7.44 -13.13 18.18
C LEU F 113 7.25 -11.66 17.83
N GLY F 114 7.58 -10.76 18.75
CA GLY F 114 7.50 -9.33 18.57
C GLY F 114 6.14 -8.75 18.85
N GLY F 115 5.17 -9.52 19.30
CA GLY F 115 3.86 -8.97 19.53
C GLY F 115 2.91 -9.38 18.42
N ILE F 116 1.65 -8.96 18.55
CA ILE F 116 0.64 -9.28 17.55
C ILE F 116 0.23 -7.95 16.96
N PRO F 117 0.47 -7.70 15.66
CA PRO F 117 -0.04 -6.52 14.96
C PRO F 117 -1.55 -6.39 15.07
N TYR F 118 -2.06 -5.15 15.14
CA TYR F 118 -3.49 -4.85 15.15
C TYR F 118 -4.26 -5.49 13.99
N SER F 119 -3.74 -5.58 12.75
CA SER F 119 -4.43 -6.24 11.65
C SER F 119 -4.54 -7.75 11.74
N GLN F 120 -3.80 -8.32 12.68
CA GLN F 120 -3.88 -9.75 12.93
C GLN F 120 -4.96 -10.05 14.00
N ILE F 121 -5.54 -9.05 14.69
CA ILE F 121 -6.55 -9.28 15.69
C ILE F 121 -7.90 -9.31 14.99
N TYR F 122 -8.51 -10.47 15.04
CA TYR F 122 -9.80 -10.70 14.47
C TYR F 122 -10.96 -10.01 15.26
N GLY F 123 -10.93 -9.97 16.58
CA GLY F 123 -11.95 -9.34 17.38
C GLY F 123 -11.66 -9.55 18.85
N TRP F 124 -12.60 -9.22 19.74
CA TRP F 124 -12.37 -9.34 21.16
C TRP F 124 -13.71 -9.49 21.87
N TYR F 125 -13.70 -10.10 23.06
CA TYR F 125 -14.86 -10.23 23.93
C TYR F 125 -14.56 -9.39 25.15
N ARG F 126 -15.57 -8.72 25.68
CA ARG F 126 -15.42 -7.95 26.90
C ARG F 126 -15.74 -8.92 28.04
N VAL F 127 -14.98 -8.86 29.12
CA VAL F 127 -15.15 -9.73 30.27
C VAL F 127 -15.44 -8.79 31.43
N ASN F 128 -16.61 -9.03 32.02
CA ASN F 128 -17.14 -8.19 33.08
C ASN F 128 -17.30 -8.99 34.35
N PHE F 129 -16.61 -8.59 35.43
CA PHE F 129 -16.65 -9.28 36.71
C PHE F 129 -16.34 -10.75 36.56
N GLY F 130 -15.56 -11.04 35.54
CA GLY F 130 -15.16 -12.40 35.28
C GLY F 130 -16.06 -13.17 34.34
N VAL F 131 -17.16 -12.62 33.87
CA VAL F 131 -18.07 -13.36 33.02
C VAL F 131 -17.88 -12.83 31.61
N ILE F 132 -17.71 -13.72 30.65
CA ILE F 132 -17.47 -13.34 29.27
C ILE F 132 -18.77 -12.85 28.68
N ASP F 133 -18.84 -11.64 28.16
CA ASP F 133 -20.00 -11.20 27.38
C ASP F 133 -19.80 -11.92 26.04
N GLU F 134 -20.67 -12.84 25.66
CA GLU F 134 -20.43 -13.60 24.45
C GLU F 134 -20.59 -12.88 23.08
N ARG F 135 -20.72 -11.55 23.05
CA ARG F 135 -20.81 -10.88 21.76
C ARG F 135 -19.39 -10.45 21.42
N LEU F 136 -18.89 -11.05 20.34
CA LEU F 136 -17.59 -10.73 19.75
C LEU F 136 -17.64 -9.43 18.96
N HIS F 137 -16.78 -8.49 19.29
CA HIS F 137 -16.69 -7.27 18.51
C HIS F 137 -15.63 -7.59 17.48
N ARG F 138 -15.97 -7.33 16.21
CA ARG F 138 -15.05 -7.55 15.13
C ARG F 138 -14.18 -6.34 14.88
N ASN F 139 -12.93 -6.66 14.56
CA ASN F 139 -11.92 -5.65 14.24
C ASN F 139 -12.08 -5.44 12.75
N ARG F 140 -12.54 -4.26 12.38
CA ARG F 140 -12.71 -3.93 10.98
C ARG F 140 -11.35 -3.76 10.34
N GLU F 141 -10.21 -3.63 11.07
CA GLU F 141 -8.90 -3.56 10.42
C GLU F 141 -8.21 -4.89 10.23
N TYR F 142 -8.95 -5.97 10.53
CA TYR F 142 -8.41 -7.30 10.38
C TYR F 142 -8.24 -7.60 8.88
N ARG F 143 -7.15 -8.20 8.38
CA ARG F 143 -6.95 -8.42 6.96
C ARG F 143 -7.28 -9.83 6.69
N ASP F 144 -8.54 -10.00 6.37
CA ASP F 144 -9.14 -11.32 6.21
C ASP F 144 -8.49 -12.23 5.20
N ARG F 145 -8.36 -11.77 3.98
CA ARG F 145 -7.75 -12.55 2.94
C ARG F 145 -6.33 -12.88 3.29
N TYR F 146 -5.56 -11.96 3.88
CA TYR F 146 -4.16 -12.27 4.10
C TYR F 146 -4.04 -13.38 5.10
N TYR F 147 -4.68 -13.25 6.24
CA TYR F 147 -4.55 -14.23 7.29
C TYR F 147 -5.33 -15.51 7.11
N ARG F 148 -6.25 -15.57 6.16
CA ARG F 148 -7.13 -16.70 5.90
C ARG F 148 -6.42 -18.04 5.68
N ASN F 149 -5.33 -18.03 4.97
CA ASN F 149 -4.63 -19.28 4.72
C ASN F 149 -3.58 -19.68 5.76
N LEU F 150 -2.91 -18.60 6.25
CA LEU F 150 -1.71 -18.66 7.05
C LEU F 150 -1.95 -19.42 8.31
N ASN F 151 -0.79 -19.95 8.74
CA ASN F 151 -0.74 -20.77 9.92
C ASN F 151 0.46 -20.48 10.78
N ILE F 152 0.56 -21.06 11.96
CA ILE F 152 1.69 -20.87 12.85
C ILE F 152 2.97 -21.35 12.19
N ALA F 153 4.09 -20.82 12.63
CA ALA F 153 5.37 -21.22 12.10
C ALA F 153 5.60 -22.67 12.46
N PRO F 154 6.10 -23.53 11.57
CA PRO F 154 6.47 -24.90 11.91
C PRO F 154 7.63 -24.93 12.89
N ALA F 155 7.64 -25.91 13.83
CA ALA F 155 8.65 -26.02 14.88
C ALA F 155 10.05 -26.01 14.33
N GLU F 156 10.22 -26.52 13.13
CA GLU F 156 11.49 -26.56 12.44
C GLU F 156 12.10 -25.19 12.30
N ASP F 157 11.31 -24.15 12.11
CA ASP F 157 11.84 -22.82 11.97
C ASP F 157 12.07 -22.16 13.30
N GLY F 158 11.50 -22.67 14.38
CA GLY F 158 11.74 -22.04 15.67
C GLY F 158 12.88 -22.70 16.43
N TYR F 159 13.37 -23.92 16.11
CA TYR F 159 14.40 -24.57 16.92
C TYR F 159 15.63 -23.73 17.06
N ARG F 160 16.00 -23.01 15.99
CA ARG F 160 17.16 -22.11 16.01
C ARG F 160 16.92 -20.92 16.91
N LEU F 161 15.64 -20.67 17.17
CA LEU F 161 15.18 -19.53 17.95
C LEU F 161 14.84 -19.83 19.42
N ALA F 162 14.97 -21.09 19.85
CA ALA F 162 14.62 -21.50 21.20
C ALA F 162 15.33 -20.70 22.30
N GLY F 163 16.58 -20.24 22.21
CA GLY F 163 17.12 -19.33 23.20
C GLY F 163 17.65 -19.96 24.47
N PHE F 164 17.79 -21.28 24.50
CA PHE F 164 18.37 -22.01 25.63
C PHE F 164 19.77 -21.45 25.89
N PRO F 165 20.28 -21.31 27.11
CA PRO F 165 21.62 -20.78 27.33
C PRO F 165 22.65 -21.67 26.67
N PRO F 166 23.88 -21.24 26.36
CA PRO F 166 24.82 -21.97 25.52
C PRO F 166 25.23 -23.34 26.04
N ASP F 167 25.11 -23.45 27.36
CA ASP F 167 25.47 -24.63 28.10
C ASP F 167 24.31 -25.57 28.32
N HIS F 168 23.12 -25.33 27.79
CA HIS F 168 21.97 -26.15 28.10
C HIS F 168 22.12 -27.49 27.42
N GLN F 169 21.75 -28.58 28.06
CA GLN F 169 21.82 -29.88 27.44
C GLN F 169 21.08 -29.95 26.11
N ALA F 170 19.96 -29.26 25.99
CA ALA F 170 19.23 -29.22 24.71
C ALA F 170 20.03 -28.97 23.44
N TRP F 171 20.96 -28.01 23.41
CA TRP F 171 21.81 -27.77 22.26
C TRP F 171 22.68 -28.93 21.81
N ARG F 172 22.81 -29.96 22.63
CA ARG F 172 23.65 -31.09 22.31
C ARG F 172 22.75 -32.25 22.01
N GLU F 173 21.43 -32.08 22.05
CA GLU F 173 20.56 -33.17 21.71
C GLU F 173 19.56 -32.82 20.62
N GLU F 174 18.96 -33.88 20.11
CA GLU F 174 17.99 -33.81 19.06
C GLU F 174 16.64 -33.25 19.53
N PRO F 175 15.96 -32.33 18.80
CA PRO F 175 16.37 -31.82 17.47
C PRO F 175 17.24 -30.55 17.31
N TRP F 176 17.44 -29.84 18.42
CA TRP F 176 18.08 -28.55 18.47
C TRP F 176 19.53 -28.55 18.01
N ILE F 177 20.24 -29.69 18.15
CA ILE F 177 21.64 -29.81 17.72
C ILE F 177 21.84 -29.39 16.30
N HIS F 178 20.90 -29.88 15.49
CA HIS F 178 20.96 -29.64 14.05
C HIS F 178 20.54 -28.21 13.67
N HIS F 179 20.24 -27.33 14.64
CA HIS F 179 19.75 -25.96 14.42
C HIS F 179 20.43 -25.02 15.40
N ALA F 180 21.53 -25.45 16.04
CA ALA F 180 22.20 -24.68 17.08
C ALA F 180 22.97 -23.46 16.53
N PRO F 181 22.64 -22.26 17.02
CA PRO F 181 23.33 -21.04 16.63
C PRO F 181 24.84 -21.06 16.89
N GLN F 182 25.55 -20.04 16.41
CA GLN F 182 26.96 -19.91 16.69
C GLN F 182 27.12 -19.61 18.17
N GLY F 183 27.81 -20.56 18.78
CA GLY F 183 28.23 -20.40 20.17
C GLY F 183 27.34 -21.05 21.19
N CYS F 184 26.43 -21.91 20.74
CA CYS F 184 25.52 -22.66 21.60
C CYS F 184 25.91 -24.13 21.47
N GLY F 185 26.08 -24.86 22.59
CA GLY F 185 26.35 -26.28 22.50
C GLY F 185 27.68 -26.61 21.84
N GLY G 1 28.66 -18.97 23.72
CA GLY G 1 28.88 -18.19 24.94
C GLY G 1 28.05 -16.91 24.78
N ASP G 2 28.64 -15.71 24.89
CA ASP G 2 27.91 -14.47 24.63
C ASP G 2 27.42 -14.57 23.19
N THR G 3 28.19 -15.18 22.28
CA THR G 3 27.78 -15.42 20.90
C THR G 3 26.46 -16.18 20.80
N CYS G 4 26.12 -17.05 21.73
CA CYS G 4 24.93 -17.86 21.63
C CYS G 4 23.76 -16.96 21.90
N ASN G 5 23.84 -16.09 22.90
CA ASN G 5 22.72 -15.21 23.19
C ASN G 5 22.63 -14.05 22.24
N GLU G 6 23.74 -13.53 21.69
CA GLU G 6 23.70 -12.46 20.71
C GLU G 6 23.15 -13.00 19.43
N GLU G 7 23.67 -14.14 18.98
CA GLU G 7 23.18 -14.83 17.82
C GLU G 7 21.68 -15.06 17.93
N THR G 8 21.18 -15.52 19.08
CA THR G 8 19.76 -15.74 19.29
C THR G 8 19.00 -14.43 19.12
N GLN G 9 19.52 -13.33 19.66
CA GLN G 9 18.77 -12.10 19.56
C GLN G 9 18.75 -11.54 18.16
N ASN G 10 19.84 -11.85 17.48
CA ASN G 10 20.08 -11.45 16.14
C ASN G 10 19.26 -12.28 15.14
N LEU G 11 19.14 -13.60 15.27
CA LEU G 11 18.31 -14.37 14.37
C LEU G 11 16.85 -14.10 14.67
N SER G 12 16.49 -13.82 15.93
CA SER G 12 15.13 -13.43 16.31
C SER G 12 14.72 -12.07 15.71
N THR G 13 15.52 -11.00 15.83
CA THR G 13 15.25 -9.72 15.19
C THR G 13 15.16 -9.83 13.67
N ILE G 14 15.92 -10.67 12.97
CA ILE G 14 15.81 -10.75 11.53
C ILE G 14 14.50 -11.42 11.21
N TYR G 15 14.13 -12.50 11.89
CA TYR G 15 12.84 -13.10 11.69
C TYR G 15 11.77 -12.03 11.97
N LEU G 16 11.85 -11.20 13.05
CA LEU G 16 10.85 -10.15 13.30
C LEU G 16 10.81 -9.07 12.17
N ARG G 17 11.94 -8.53 11.72
CA ARG G 17 12.03 -7.50 10.68
C ARG G 17 11.37 -7.92 9.37
N GLU G 18 11.56 -9.18 9.01
CA GLU G 18 10.95 -9.71 7.83
C GLU G 18 9.46 -9.83 7.94
N TYR G 19 8.91 -10.30 9.07
CA TYR G 19 7.48 -10.37 9.28
C TYR G 19 6.97 -8.93 9.34
N GLN G 20 7.62 -7.93 9.93
CA GLN G 20 7.12 -6.56 9.93
C GLN G 20 6.98 -5.88 8.53
N SER G 21 7.80 -6.30 7.58
CA SER G 21 7.76 -5.81 6.22
C SER G 21 6.54 -6.48 5.60
N LYS G 22 6.21 -7.74 5.82
CA LYS G 22 4.98 -8.27 5.26
C LYS G 22 3.77 -7.50 5.79
N VAL G 23 3.81 -7.06 7.05
CA VAL G 23 2.71 -6.35 7.64
C VAL G 23 2.65 -4.98 6.98
N LYS G 24 3.78 -4.27 6.77
CA LYS G 24 3.76 -2.99 6.09
C LYS G 24 3.32 -3.17 4.63
N ARG G 25 3.69 -4.22 3.90
CA ARG G 25 3.17 -4.49 2.57
C ARG G 25 1.63 -4.66 2.52
N GLN G 26 1.01 -5.15 3.59
CA GLN G 26 -0.42 -5.23 3.68
C GLN G 26 -1.04 -3.88 3.99
N ILE G 27 -0.70 -3.25 5.09
CA ILE G 27 -1.36 -2.01 5.47
C ILE G 27 -0.98 -0.75 4.64
N PHE G 28 0.25 -0.58 4.09
CA PHE G 28 0.66 0.62 3.34
C PHE G 28 0.22 0.60 1.91
N SER G 29 0.05 -0.59 1.37
CA SER G 29 -0.43 -0.74 0.02
C SER G 29 -1.84 -0.22 -0.12
N ASP G 30 -2.63 -0.07 0.96
CA ASP G 30 -3.96 0.54 0.85
C ASP G 30 -3.89 2.00 0.44
N TYR G 31 -2.74 2.62 0.68
CA TYR G 31 -2.51 4.00 0.38
C TYR G 31 -1.90 4.28 -0.99
N GLN G 32 -1.51 3.23 -1.71
CA GLN G 32 -0.82 3.37 -2.97
C GLN G 32 -1.84 3.72 -4.03
N SER G 33 -1.60 4.86 -4.72
CA SER G 33 -2.51 5.34 -5.73
C SER G 33 -1.80 5.39 -7.09
N GLU G 34 -2.34 4.72 -8.11
CA GLU G 34 -1.70 4.60 -9.40
C GLU G 34 -1.77 5.87 -10.20
N VAL G 35 -0.71 6.07 -10.97
CA VAL G 35 -0.49 7.25 -11.79
C VAL G 35 -0.81 6.94 -13.25
N ASP G 36 -1.46 7.88 -13.97
CA ASP G 36 -1.62 7.73 -15.42
C ASP G 36 -0.40 8.46 -15.95
N ILE G 37 0.50 7.58 -16.35
CA ILE G 37 1.83 7.96 -16.76
C ILE G 37 1.69 8.65 -18.09
N TYR G 38 0.81 8.26 -18.98
CA TYR G 38 0.72 8.97 -20.23
C TYR G 38 0.25 10.40 -20.04
N ASN G 39 -0.74 10.61 -19.19
CA ASN G 39 -1.20 11.95 -18.94
C ASN G 39 -0.09 12.76 -18.28
N ARG G 40 0.61 12.27 -17.25
CA ARG G 40 1.59 13.13 -16.62
C ARG G 40 2.86 13.35 -17.47
N ILE G 41 3.23 12.42 -18.38
CA ILE G 41 4.40 12.65 -19.21
C ILE G 41 4.02 13.43 -20.48
#